data_4P8N
#
_entry.id   4P8N
#
_cell.length_a   77.242
_cell.length_b   83.219
_cell.length_c   80.755
_cell.angle_alpha   90.00
_cell.angle_beta   103.04
_cell.angle_gamma   90.00
#
_symmetry.space_group_name_H-M   'P 1 21 1'
#
loop_
_entity.id
_entity.type
_entity.pdbx_description
1 polymer 'Probable decaprenylphosphoryl-beta-D-ribose oxidase'
2 non-polymer 'FLAVIN-ADENINE DINUCLEOTIDE'
3 non-polymer '3-[(3-fluoro-4-methoxybenzyl)amino]-6-(trifluoromethyl)quinoxaline-2-carboxylic acid'
4 non-polymer IMIDAZOLE
5 water water
#
_entity_poly.entity_id   1
_entity_poly.type   'polypeptide(L)'
_entity_poly.pdbx_seq_one_letter_code
;GSSHHHHHHSSGLVPRGSHMLSVGATTTATRLTGWGRTAPSVANVLRTPDAEMIVKAVARVAESGGGRGAIARGLGRSYG
DNAQNGGGLVIDMTPLNTIHSIDADTKLVDIDAGVNLDQLMKAALPFGLWVPVLPGTRQVTVGGAIACDIHGKNHHSAGS
FGNHVRSMDLLTADGEIRHLTPTGEDAELFWATVGGNGLTGIIMRATIEMTPTSTAYFIADGDVTASLDETIALHSDGSE
ARYTYSSAWFDAISAPPKLGRAAVSRGRLATVEQLPAKLRSEPLKFDAPQLLTLPDVFPNGLANKYTFGPIGELWYRKSG
TYRGKVQNLTQFYHPLDMFGEWNRAYGPAGFLQYQFVIPTEAVDEFKKIIGVIQASGHYSFLNVFKLFGPRNQAPLSFPI
PGWNICVDFPIKDGLGKFVSELDRRVLEFGGRLYTAKDSRTTAETFHAMYPRVDEWISVRRKVDPLRVFASDMARRLELL
;
_entity_poly.pdbx_strand_id   A,B
#
loop_
_chem_comp.id
_chem_comp.type
_chem_comp.name
_chem_comp.formula
FAD non-polymer 'FLAVIN-ADENINE DINUCLEOTIDE' 'C27 H33 N9 O15 P2'
IMD non-polymer IMIDAZOLE 'C3 H5 N2 1'
R57 non-polymer '3-[(3-fluoro-4-methoxybenzyl)amino]-6-(trifluoromethyl)quinoxaline-2-carboxylic acid' 'C18 H13 F4 N3 O3'
#
# COMPACT_ATOMS: atom_id res chain seq x y z
N VAL A 23 -11.58 -15.69 14.04
CA VAL A 23 -11.75 -16.23 12.66
C VAL A 23 -12.98 -17.13 12.50
N GLY A 24 -13.56 -17.56 13.63
CA GLY A 24 -14.72 -18.45 13.61
C GLY A 24 -16.03 -17.76 13.25
N ALA A 25 -16.88 -18.47 12.52
CA ALA A 25 -18.23 -17.98 12.17
C ALA A 25 -19.09 -17.81 13.42
N THR A 26 -19.90 -16.76 13.43
CA THR A 26 -20.86 -16.50 14.50
C THR A 26 -22.21 -16.06 13.93
N THR A 27 -23.30 -16.55 14.51
CA THR A 27 -24.65 -16.03 14.24
C THR A 27 -25.22 -15.45 15.53
N THR A 28 -25.55 -14.16 15.48
CA THR A 28 -25.94 -13.42 16.69
C THR A 28 -27.16 -12.54 16.45
N ALA A 29 -28.16 -12.68 17.32
CA ALA A 29 -29.31 -11.77 17.33
C ALA A 29 -28.79 -10.38 17.68
N THR A 30 -28.98 -9.43 16.78
CA THR A 30 -28.41 -8.09 16.94
C THR A 30 -29.41 -7.01 16.56
N ARG A 31 -29.49 -5.97 17.39
CA ARG A 31 -30.30 -4.80 17.12
C ARG A 31 -29.51 -3.88 16.19
N LEU A 32 -30.04 -3.65 15.00
CA LEU A 32 -29.34 -2.88 13.98
C LEU A 32 -30.03 -1.57 13.64
N THR A 33 -29.23 -0.53 13.42
CA THR A 33 -29.69 0.71 12.81
C THR A 33 -28.68 1.16 11.75
N GLY A 34 -29.14 2.00 10.83
CA GLY A 34 -28.22 2.69 9.93
C GLY A 34 -27.48 3.75 10.72
N TRP A 35 -26.69 4.55 10.02
CA TRP A 35 -25.85 5.59 10.63
C TRP A 35 -26.65 6.63 11.36
N GLY A 36 -27.91 6.81 10.95
CA GLY A 36 -28.81 7.78 11.57
C GLY A 36 -29.36 7.35 12.93
N ARG A 37 -29.06 6.12 13.34
CA ARG A 37 -29.45 5.58 14.65
C ARG A 37 -30.97 5.58 14.88
N THR A 38 -31.72 5.35 13.81
CA THR A 38 -33.18 5.38 13.87
C THR A 38 -33.75 4.04 13.39
N ALA A 39 -35.05 3.82 13.62
CA ALA A 39 -35.77 2.61 13.18
C ALA A 39 -35.00 1.29 13.41
N PRO A 40 -34.67 0.97 14.67
CA PRO A 40 -33.96 -0.27 14.96
C PRO A 40 -34.80 -1.51 14.66
N SER A 41 -34.12 -2.60 14.30
CA SER A 41 -34.79 -3.90 14.14
C SER A 41 -33.80 -5.03 14.36
N VAL A 42 -34.31 -6.16 14.86
CA VAL A 42 -33.45 -7.27 15.27
C VAL A 42 -33.31 -8.31 14.18
N ALA A 43 -32.07 -8.64 13.85
CA ALA A 43 -31.76 -9.65 12.86
C ALA A 43 -30.73 -10.60 13.42
N ASN A 44 -30.71 -11.82 12.87
CA ASN A 44 -29.59 -12.72 13.10
C ASN A 44 -28.46 -12.31 12.18
N VAL A 45 -27.37 -11.83 12.78
CA VAL A 45 -26.21 -11.36 12.03
C VAL A 45 -25.18 -12.47 11.90
N LEU A 46 -24.98 -12.96 10.68
CA LEU A 46 -23.90 -13.87 10.37
C LEU A 46 -22.63 -13.08 10.07
N ARG A 47 -21.54 -13.48 10.71
CA ARG A 47 -20.24 -12.86 10.51
C ARG A 47 -19.19 -13.96 10.34
N THR A 48 -18.70 -14.11 9.11
CA THR A 48 -17.71 -15.14 8.79
C THR A 48 -16.76 -14.65 7.69
N PRO A 49 -15.46 -14.96 7.81
CA PRO A 49 -14.54 -14.67 6.71
C PRO A 49 -14.57 -15.75 5.64
N ASP A 50 -15.33 -16.81 5.87
CA ASP A 50 -15.43 -17.93 4.94
C ASP A 50 -16.55 -17.72 3.92
N ALA A 51 -16.15 -17.53 2.66
CA ALA A 51 -17.09 -17.34 1.56
C ALA A 51 -18.08 -18.49 1.42
N GLU A 52 -17.57 -19.72 1.55
CA GLU A 52 -18.39 -20.93 1.41
C GLU A 52 -19.51 -20.98 2.45
N MET A 53 -19.26 -20.40 3.62
CA MET A 53 -20.25 -20.31 4.68
C MET A 53 -21.37 -19.35 4.31
N ILE A 54 -21.01 -18.27 3.61
CA ILE A 54 -22.01 -17.30 3.14
C ILE A 54 -22.91 -17.94 2.09
N VAL A 55 -22.29 -18.67 1.16
CA VAL A 55 -23.04 -19.41 0.14
C VAL A 55 -24.04 -20.38 0.78
N LYS A 56 -23.58 -21.11 1.79
CA LYS A 56 -24.43 -22.07 2.52
C LYS A 56 -25.59 -21.41 3.27
N ALA A 57 -25.35 -20.23 3.85
CA ALA A 57 -26.41 -19.49 4.54
C ALA A 57 -27.50 -19.04 3.56
N VAL A 58 -27.09 -18.56 2.39
CA VAL A 58 -28.04 -18.14 1.36
C VAL A 58 -28.81 -19.35 0.81
N ALA A 59 -28.11 -20.48 0.65
CA ALA A 59 -28.76 -21.71 0.23
C ALA A 59 -29.82 -22.16 1.24
N ARG A 60 -29.52 -22.00 2.53
CA ARG A 60 -30.44 -22.35 3.61
C ARG A 60 -31.73 -21.51 3.54
N VAL A 61 -31.56 -20.19 3.43
CA VAL A 61 -32.69 -19.27 3.26
C VAL A 61 -33.50 -19.64 2.02
N ALA A 62 -32.80 -19.91 0.92
CA ALA A 62 -33.45 -20.26 -0.35
C ALA A 62 -34.25 -21.55 -0.29
N GLU A 63 -33.69 -22.56 0.39
CA GLU A 63 -34.34 -23.88 0.53
C GLU A 63 -35.52 -23.83 1.50
N SER A 64 -35.49 -22.84 2.39
CA SER A 64 -36.54 -22.62 3.39
C SER A 64 -37.91 -22.31 2.78
N GLY A 65 -37.90 -21.71 1.58
CA GLY A 65 -39.13 -21.42 0.83
C GLY A 65 -40.13 -20.51 1.55
N GLY A 66 -39.63 -19.70 2.46
CA GLY A 66 -40.45 -18.78 3.24
C GLY A 66 -39.59 -17.92 4.14
N GLY A 67 -40.22 -17.29 5.13
CA GLY A 67 -39.49 -16.43 6.06
C GLY A 67 -39.11 -15.11 5.43
N ARG A 68 -38.22 -14.38 6.11
CA ARG A 68 -37.98 -12.98 5.79
C ARG A 68 -36.62 -12.67 5.16
N GLY A 69 -35.98 -13.70 4.62
CA GLY A 69 -34.81 -13.55 3.77
C GLY A 69 -33.54 -13.04 4.42
N ALA A 70 -32.65 -12.52 3.58
CA ALA A 70 -31.32 -12.07 3.99
C ALA A 70 -30.89 -10.78 3.28
N ILE A 71 -30.01 -10.01 3.91
CA ILE A 71 -29.39 -8.86 3.23
C ILE A 71 -27.93 -8.69 3.67
N ALA A 72 -27.08 -8.28 2.73
CA ALA A 72 -25.70 -7.97 3.07
C ALA A 72 -25.59 -6.65 3.81
N ARG A 73 -24.56 -6.55 4.64
CA ARG A 73 -24.28 -5.35 5.39
C ARG A 73 -22.80 -5.05 5.29
N GLY A 74 -22.47 -3.80 5.04
CA GLY A 74 -21.08 -3.42 5.01
C GLY A 74 -20.68 -2.77 6.32
N LEU A 75 -20.19 -1.54 6.23
CA LEU A 75 -19.74 -0.80 7.41
C LEU A 75 -20.85 -0.01 8.10
N GLY A 76 -22.08 -0.16 7.62
CA GLY A 76 -23.24 0.52 8.20
C GLY A 76 -23.23 2.04 8.10
N ARG A 77 -22.59 2.58 7.07
CA ARG A 77 -22.53 4.05 6.90
C ARG A 77 -23.76 4.66 6.22
N SER A 78 -24.62 3.84 5.62
CA SER A 78 -25.92 4.35 5.15
C SER A 78 -26.73 4.79 6.35
N TYR A 79 -27.36 5.95 6.24
CA TYR A 79 -28.12 6.53 7.34
C TYR A 79 -29.42 5.79 7.66
N GLY A 80 -30.03 5.21 6.63
CA GLY A 80 -31.34 4.59 6.77
C GLY A 80 -31.31 3.09 7.00
N ASP A 81 -32.29 2.40 6.43
CA ASP A 81 -32.60 1.01 6.78
C ASP A 81 -32.30 -0.01 5.67
N ASN A 82 -31.38 0.29 4.77
CA ASN A 82 -31.11 -0.63 3.66
C ASN A 82 -30.22 -1.82 4.02
N ALA A 83 -29.52 -1.73 5.14
CA ALA A 83 -28.57 -2.78 5.55
C ALA A 83 -29.04 -3.52 6.80
N GLN A 84 -30.34 -3.53 7.02
CA GLN A 84 -30.91 -4.31 8.11
C GLN A 84 -32.14 -5.06 7.64
N ASN A 85 -32.51 -6.08 8.39
CA ASN A 85 -33.57 -6.97 8.01
C ASN A 85 -34.26 -7.57 9.24
N GLY A 86 -35.17 -6.80 9.82
CA GLY A 86 -35.88 -7.22 11.05
C GLY A 86 -36.50 -8.60 10.92
N GLY A 87 -36.13 -9.49 11.84
CA GLY A 87 -36.67 -10.85 11.87
C GLY A 87 -36.11 -11.78 10.80
N GLY A 88 -35.09 -11.32 10.07
CA GLY A 88 -34.44 -12.13 9.04
C GLY A 88 -32.94 -12.22 9.25
N LEU A 89 -32.22 -12.60 8.21
CA LEU A 89 -30.77 -12.73 8.28
C LEU A 89 -30.08 -11.47 7.75
N VAL A 90 -29.01 -11.07 8.43
CA VAL A 90 -28.09 -10.06 7.93
C VAL A 90 -26.69 -10.69 7.86
N ILE A 91 -26.03 -10.53 6.72
CA ILE A 91 -24.68 -11.05 6.55
C ILE A 91 -23.65 -9.92 6.55
N ASP A 92 -22.88 -9.83 7.62
CA ASP A 92 -21.85 -8.82 7.76
C ASP A 92 -20.67 -9.19 6.86
N MET A 93 -20.41 -8.35 5.87
CA MET A 93 -19.40 -8.66 4.84
C MET A 93 -18.00 -8.18 5.18
N THR A 94 -17.85 -7.45 6.28
CA THR A 94 -16.56 -6.83 6.61
C THR A 94 -15.38 -7.79 6.85
N PRO A 95 -15.63 -9.08 7.21
CA PRO A 95 -14.50 -10.01 7.30
C PRO A 95 -13.95 -10.48 5.95
N LEU A 96 -14.74 -10.38 4.88
CA LEU A 96 -14.25 -10.73 3.55
C LEU A 96 -13.55 -9.49 3.01
N ASN A 97 -12.30 -9.30 3.42
CA ASN A 97 -11.59 -8.05 3.19
C ASN A 97 -10.22 -8.22 2.55
N THR A 98 -10.07 -9.27 1.76
CA THR A 98 -8.80 -9.56 1.10
C THR A 98 -8.66 -8.71 -0.15
N ILE A 99 -7.51 -8.04 -0.26
CA ILE A 99 -7.10 -7.45 -1.53
C ILE A 99 -6.32 -8.52 -2.30
N HIS A 100 -6.91 -9.03 -3.38
CA HIS A 100 -6.30 -10.13 -4.12
C HIS A 100 -5.15 -9.73 -4.96
N SER A 101 -5.32 -8.66 -5.74
CA SER A 101 -4.20 -8.12 -6.52
C SER A 101 -4.45 -6.68 -6.90
N ILE A 102 -3.34 -5.98 -7.13
CA ILE A 102 -3.36 -4.67 -7.74
C ILE A 102 -2.34 -4.72 -8.88
N ASP A 103 -2.71 -4.16 -10.02
CA ASP A 103 -1.83 -4.17 -11.18
C ASP A 103 -1.72 -2.75 -11.72
N ALA A 104 -0.52 -2.18 -11.73
CA ALA A 104 -0.31 -0.81 -12.22
C ALA A 104 -0.44 -0.69 -13.75
N ASP A 105 -0.16 -1.77 -14.46
CA ASP A 105 -0.17 -1.74 -15.93
C ASP A 105 -1.59 -1.75 -16.48
N THR A 106 -2.45 -2.59 -15.90
CA THR A 106 -3.86 -2.66 -16.30
C THR A 106 -4.76 -1.72 -15.48
N LYS A 107 -4.21 -1.15 -14.41
CA LYS A 107 -4.95 -0.27 -13.47
C LYS A 107 -6.08 -0.98 -12.72
N LEU A 108 -6.06 -2.31 -12.74
CA LEU A 108 -7.12 -3.10 -12.12
C LEU A 108 -6.78 -3.53 -10.69
N VAL A 109 -7.77 -3.43 -9.81
CA VAL A 109 -7.69 -4.05 -8.48
C VAL A 109 -8.75 -5.14 -8.41
N ASP A 110 -8.39 -6.27 -7.81
CA ASP A 110 -9.30 -7.39 -7.61
C ASP A 110 -9.41 -7.56 -6.11
N ILE A 111 -10.60 -7.28 -5.56
CA ILE A 111 -10.77 -7.20 -4.10
C ILE A 111 -12.09 -7.81 -3.63
N ASP A 112 -12.10 -8.39 -2.43
CA ASP A 112 -13.34 -8.84 -1.82
C ASP A 112 -14.24 -7.64 -1.55
N ALA A 113 -15.54 -7.87 -1.53
CA ALA A 113 -16.55 -6.83 -1.31
C ALA A 113 -16.47 -6.12 0.05
N GLY A 114 -15.86 -6.78 1.03
CA GLY A 114 -15.69 -6.21 2.37
C GLY A 114 -14.52 -5.27 2.54
N VAL A 115 -13.62 -5.24 1.55
CA VAL A 115 -12.54 -4.26 1.52
C VAL A 115 -13.15 -2.86 1.64
N ASN A 116 -12.56 -1.99 2.45
CA ASN A 116 -13.07 -0.62 2.54
C ASN A 116 -12.20 0.36 1.75
N LEU A 117 -12.77 1.51 1.39
CA LEU A 117 -12.09 2.46 0.49
C LEU A 117 -10.83 3.11 1.07
N ASP A 118 -10.75 3.21 2.40
CA ASP A 118 -9.54 3.71 3.05
C ASP A 118 -8.40 2.68 2.90
N GLN A 119 -8.71 1.43 3.20
CA GLN A 119 -7.82 0.29 2.96
C GLN A 119 -7.33 0.25 1.51
N LEU A 120 -8.28 0.37 0.58
CA LEU A 120 -7.95 0.32 -0.85
C LEU A 120 -7.06 1.48 -1.24
N MET A 121 -7.43 2.69 -0.83
CA MET A 121 -6.64 3.89 -1.16
C MET A 121 -5.19 3.74 -0.72
N LYS A 122 -5.00 3.29 0.52
CA LYS A 122 -3.65 3.09 1.06
C LYS A 122 -2.84 2.03 0.32
N ALA A 123 -3.49 0.92 -0.01
CA ALA A 123 -2.84 -0.18 -0.71
C ALA A 123 -2.48 0.20 -2.13
N ALA A 124 -3.32 1.01 -2.76
CA ALA A 124 -3.15 1.31 -4.19
C ALA A 124 -2.20 2.48 -4.48
N LEU A 125 -2.01 3.36 -3.51
CA LEU A 125 -1.16 4.55 -3.73
C LEU A 125 0.27 4.23 -4.21
N PRO A 126 0.96 3.25 -3.57
CA PRO A 126 2.31 2.89 -4.05
C PRO A 126 2.39 2.44 -5.52
N PHE A 127 1.24 2.09 -6.12
CA PHE A 127 1.18 1.69 -7.52
C PHE A 127 0.89 2.88 -8.43
N GLY A 128 0.79 4.08 -7.87
CA GLY A 128 0.35 5.25 -8.65
C GLY A 128 -1.10 5.13 -9.12
N LEU A 129 -1.96 4.56 -8.26
CA LEU A 129 -3.38 4.35 -8.56
C LEU A 129 -4.24 5.02 -7.51
N TRP A 130 -5.34 5.60 -7.99
CA TRP A 130 -6.26 6.40 -7.18
C TRP A 130 -7.64 5.82 -7.27
N VAL A 131 -8.31 5.66 -6.12
CA VAL A 131 -9.72 5.22 -6.06
C VAL A 131 -10.57 6.21 -6.88
N PRO A 132 -11.25 5.72 -7.93
CA PRO A 132 -11.85 6.63 -8.93
C PRO A 132 -13.02 7.46 -8.42
N VAL A 133 -13.71 6.96 -7.40
CA VAL A 133 -14.80 7.67 -6.71
C VAL A 133 -14.68 7.50 -5.20
N LEU A 134 -14.54 8.62 -4.50
CA LEU A 134 -14.43 8.63 -3.04
C LEU A 134 -15.58 9.44 -2.43
N PRO A 135 -16.32 8.83 -1.48
CA PRO A 135 -17.35 9.61 -0.80
C PRO A 135 -16.74 10.47 0.30
N GLY A 136 -17.58 11.24 1.01
CA GLY A 136 -17.11 12.12 2.08
C GLY A 136 -16.58 11.43 3.35
N THR A 137 -16.68 10.11 3.40
CA THR A 137 -16.03 9.30 4.44
C THR A 137 -15.35 8.10 3.78
N ARG A 138 -14.19 7.69 4.28
CA ARG A 138 -13.47 6.56 3.68
C ARG A 138 -13.90 5.21 4.28
N GLN A 139 -14.76 5.25 5.28
CA GLN A 139 -15.23 4.04 5.95
C GLN A 139 -16.47 3.44 5.28
N VAL A 140 -16.31 3.03 4.02
CA VAL A 140 -17.39 2.36 3.28
C VAL A 140 -16.79 1.17 2.53
N THR A 141 -17.53 0.07 2.46
CA THR A 141 -17.04 -1.14 1.79
C THR A 141 -17.23 -1.01 0.29
N VAL A 142 -16.49 -1.82 -0.46
CA VAL A 142 -16.65 -1.90 -1.91
C VAL A 142 -18.08 -2.35 -2.22
N GLY A 143 -18.58 -3.34 -1.49
CA GLY A 143 -19.97 -3.77 -1.63
C GLY A 143 -20.99 -2.64 -1.46
N GLY A 144 -20.78 -1.79 -0.46
CA GLY A 144 -21.69 -0.69 -0.13
C GLY A 144 -21.57 0.42 -1.17
N ALA A 145 -20.35 0.59 -1.67
CA ALA A 145 -20.03 1.57 -2.72
C ALA A 145 -20.75 1.23 -4.04
N ILE A 146 -20.79 -0.06 -4.37
CA ILE A 146 -21.49 -0.54 -5.56
C ILE A 146 -23.01 -0.51 -5.37
N ALA A 147 -23.47 -1.04 -4.24
CA ALA A 147 -24.90 -1.18 -3.99
C ALA A 147 -25.62 0.14 -3.83
N CYS A 148 -24.91 1.19 -3.44
CA CYS A 148 -25.51 2.52 -3.39
C CYS A 148 -25.08 3.40 -4.56
N ASP A 149 -24.28 2.83 -5.47
CA ASP A 149 -23.68 3.52 -6.62
C ASP A 149 -23.15 4.90 -6.22
N ILE A 150 -22.27 4.90 -5.22
CA ILE A 150 -21.88 6.14 -4.55
C ILE A 150 -21.22 7.15 -5.47
N HIS A 151 -21.36 8.42 -5.09
CA HIS A 151 -20.78 9.53 -5.84
C HIS A 151 -19.81 10.33 -5.00
N GLY A 152 -19.00 11.15 -5.67
CA GLY A 152 -18.06 11.99 -4.95
C GLY A 152 -17.93 13.35 -5.58
N LYS A 153 -16.91 14.07 -5.11
CA LYS A 153 -16.63 15.45 -5.52
C LYS A 153 -16.33 15.53 -7.01
N ASN A 154 -15.95 14.40 -7.59
CA ASN A 154 -15.66 14.33 -9.02
C ASN A 154 -16.77 13.72 -9.88
N HIS A 155 -18.00 13.70 -9.38
CA HIS A 155 -19.08 13.07 -10.17
C HIS A 155 -19.18 13.64 -11.56
N HIS A 156 -19.04 14.95 -11.67
CA HIS A 156 -19.25 15.59 -12.97
C HIS A 156 -18.20 15.23 -14.00
N SER A 157 -17.05 14.70 -13.57
CA SER A 157 -16.00 14.32 -14.51
C SER A 157 -15.79 12.82 -14.58
N ALA A 158 -16.21 12.09 -13.54
CA ALA A 158 -15.89 10.67 -13.47
C ALA A 158 -17.09 9.74 -13.33
N GLY A 159 -18.28 10.32 -13.13
CA GLY A 159 -19.49 9.52 -12.88
C GLY A 159 -19.47 8.97 -11.47
N SER A 160 -20.28 7.94 -11.22
CA SER A 160 -20.36 7.34 -9.89
C SER A 160 -19.58 6.03 -9.82
N PHE A 161 -19.63 5.36 -8.67
CA PHE A 161 -18.80 4.18 -8.42
C PHE A 161 -19.02 3.06 -9.45
N GLY A 162 -20.30 2.83 -9.79
CA GLY A 162 -20.67 1.79 -10.75
C GLY A 162 -19.97 1.90 -12.10
N ASN A 163 -19.68 3.14 -12.51
CA ASN A 163 -19.02 3.45 -13.79
C ASN A 163 -17.62 2.83 -13.89
N HIS A 164 -17.04 2.48 -12.75
CA HIS A 164 -15.65 2.01 -12.67
C HIS A 164 -15.48 0.55 -12.34
N VAL A 165 -16.60 -0.16 -12.22
CA VAL A 165 -16.57 -1.59 -11.90
C VAL A 165 -16.46 -2.36 -13.22
N ARG A 166 -15.41 -3.15 -13.36
CA ARG A 166 -15.17 -3.92 -14.59
C ARG A 166 -15.76 -5.33 -14.54
N SER A 167 -15.88 -5.88 -13.34
CA SER A 167 -16.59 -7.14 -13.12
C SER A 167 -16.97 -7.21 -11.64
N MET A 168 -17.98 -8.02 -11.34
CA MET A 168 -18.25 -8.41 -9.96
C MET A 168 -18.87 -9.79 -9.93
N ASP A 169 -18.58 -10.52 -8.87
CA ASP A 169 -19.14 -11.85 -8.63
C ASP A 169 -20.31 -11.72 -7.67
N LEU A 170 -21.49 -12.09 -8.14
CA LEU A 170 -22.71 -11.92 -7.37
C LEU A 170 -23.30 -13.27 -6.96
N LEU A 171 -23.44 -13.48 -5.65
CA LEU A 171 -24.10 -14.66 -5.12
C LEU A 171 -25.61 -14.43 -5.21
N THR A 172 -26.27 -15.18 -6.08
CA THR A 172 -27.70 -15.01 -6.31
C THR A 172 -28.53 -16.00 -5.49
N ALA A 173 -29.86 -15.78 -5.49
CA ALA A 173 -30.80 -16.57 -4.68
C ALA A 173 -30.74 -18.08 -4.96
N ASP A 174 -30.41 -18.46 -6.18
CA ASP A 174 -30.26 -19.88 -6.54
C ASP A 174 -28.98 -20.52 -5.96
N GLY A 175 -28.18 -19.72 -5.26
CA GLY A 175 -26.97 -20.21 -4.60
C GLY A 175 -25.73 -20.21 -5.49
N GLU A 176 -25.92 -19.80 -6.75
CA GLU A 176 -24.83 -19.73 -7.73
C GLU A 176 -24.11 -18.39 -7.65
N ILE A 177 -22.83 -18.39 -8.01
CA ILE A 177 -22.06 -17.16 -8.09
C ILE A 177 -21.91 -16.75 -9.56
N ARG A 178 -22.55 -15.63 -9.90
CA ARG A 178 -22.55 -15.14 -11.27
C ARG A 178 -21.50 -14.07 -11.49
N HIS A 179 -20.73 -14.23 -12.57
CA HIS A 179 -19.72 -13.25 -12.95
C HIS A 179 -20.33 -12.19 -13.83
N LEU A 180 -20.46 -10.98 -13.30
CA LEU A 180 -21.14 -9.90 -14.02
C LEU A 180 -20.16 -8.88 -14.59
N THR A 181 -20.43 -8.44 -15.81
CA THR A 181 -19.64 -7.38 -16.44
C THR A 181 -20.62 -6.34 -16.98
N PRO A 182 -20.16 -5.07 -17.12
CA PRO A 182 -21.06 -3.99 -17.54
C PRO A 182 -21.58 -4.13 -18.98
N THR A 183 -20.89 -4.93 -19.79
CA THR A 183 -21.15 -4.98 -21.22
C THR A 183 -21.40 -6.38 -21.77
N GLY A 184 -21.20 -7.39 -20.92
CA GLY A 184 -21.39 -8.79 -21.28
C GLY A 184 -22.83 -9.25 -21.34
N GLU A 185 -23.04 -10.57 -21.35
CA GLU A 185 -24.37 -11.15 -21.51
C GLU A 185 -25.24 -10.91 -20.29
N ASP A 186 -24.62 -10.68 -19.15
CA ASP A 186 -25.33 -10.45 -17.90
C ASP A 186 -25.34 -8.95 -17.52
N ALA A 187 -25.25 -8.07 -18.53
CA ALA A 187 -25.23 -6.62 -18.29
C ALA A 187 -26.46 -6.09 -17.56
N GLU A 188 -27.63 -6.64 -17.86
CA GLU A 188 -28.88 -6.26 -17.21
C GLU A 188 -28.80 -6.45 -15.70
N LEU A 189 -28.37 -7.63 -15.29
CA LEU A 189 -28.19 -7.92 -13.86
C LEU A 189 -27.06 -7.08 -13.23
N PHE A 190 -25.97 -6.87 -13.96
CA PHE A 190 -24.88 -6.00 -13.49
C PHE A 190 -25.46 -4.64 -13.11
N TRP A 191 -26.18 -4.03 -14.05
CA TRP A 191 -26.70 -2.68 -13.86
C TRP A 191 -27.87 -2.55 -12.92
N ALA A 192 -28.53 -3.67 -12.60
CA ALA A 192 -29.53 -3.70 -11.52
C ALA A 192 -28.86 -3.84 -10.15
N THR A 193 -27.66 -4.41 -10.14
CA THR A 193 -26.90 -4.59 -8.90
C THR A 193 -26.26 -3.27 -8.46
N VAL A 194 -25.70 -2.54 -9.43
CA VAL A 194 -25.28 -1.15 -9.22
C VAL A 194 -26.50 -0.37 -8.72
N GLY A 195 -26.43 0.17 -7.50
CA GLY A 195 -27.55 0.95 -6.94
C GLY A 195 -28.71 0.11 -6.42
N GLY A 196 -28.52 -1.21 -6.47
CA GLY A 196 -29.58 -2.18 -6.12
C GLY A 196 -29.80 -2.38 -4.63
N ASN A 197 -28.97 -1.73 -3.81
CA ASN A 197 -29.11 -1.78 -2.35
C ASN A 197 -29.14 -3.24 -1.82
N GLY A 198 -28.30 -4.08 -2.43
CA GLY A 198 -28.14 -5.49 -2.04
C GLY A 198 -29.29 -6.42 -2.39
N LEU A 199 -30.24 -5.93 -3.18
CA LEU A 199 -31.49 -6.66 -3.40
C LEU A 199 -31.47 -7.59 -4.61
N THR A 200 -30.29 -7.74 -5.22
CA THR A 200 -30.10 -8.74 -6.28
C THR A 200 -29.25 -9.90 -5.78
N GLY A 201 -28.71 -9.76 -4.57
CA GLY A 201 -27.80 -10.77 -4.03
C GLY A 201 -26.59 -10.19 -3.34
N ILE A 202 -25.62 -11.05 -3.05
CA ILE A 202 -24.47 -10.63 -2.29
C ILE A 202 -23.27 -10.49 -3.22
N ILE A 203 -22.75 -9.27 -3.31
CA ILE A 203 -21.54 -9.03 -4.05
C ILE A 203 -20.39 -9.61 -3.24
N MET A 204 -19.68 -10.57 -3.82
CA MET A 204 -18.64 -11.28 -3.08
C MET A 204 -17.30 -10.64 -3.33
N ARG A 205 -17.10 -10.16 -4.56
CA ARG A 205 -15.79 -9.81 -5.06
C ARG A 205 -16.00 -8.94 -6.30
N ALA A 206 -15.03 -8.06 -6.59
CA ALA A 206 -15.14 -7.15 -7.73
C ALA A 206 -13.77 -6.76 -8.27
N THR A 207 -13.75 -6.40 -9.55
CA THR A 207 -12.57 -5.78 -10.16
C THR A 207 -12.94 -4.33 -10.50
N ILE A 208 -12.11 -3.40 -10.05
CA ILE A 208 -12.34 -1.97 -10.26
C ILE A 208 -11.18 -1.41 -11.10
N GLU A 209 -11.50 -0.55 -12.06
CA GLU A 209 -10.46 0.18 -12.78
C GLU A 209 -10.14 1.46 -12.05
N MET A 210 -8.87 1.60 -11.66
CA MET A 210 -8.43 2.72 -10.85
C MET A 210 -8.02 3.88 -11.75
N THR A 211 -7.88 5.05 -11.16
CA THR A 211 -7.42 6.22 -11.90
C THR A 211 -5.92 6.39 -11.68
N PRO A 212 -5.14 6.50 -12.78
CA PRO A 212 -3.70 6.68 -12.59
C PRO A 212 -3.41 8.06 -12.00
N THR A 213 -2.39 8.12 -11.15
CA THR A 213 -1.96 9.38 -10.55
C THR A 213 -0.46 9.32 -10.24
N SER A 214 0.20 10.46 -10.35
CA SER A 214 1.61 10.54 -9.98
C SER A 214 1.83 11.09 -8.56
N THR A 215 0.76 11.56 -7.91
CA THR A 215 0.87 12.07 -6.53
C THR A 215 -0.38 11.80 -5.72
N ALA A 216 -0.28 11.97 -4.40
CA ALA A 216 -1.45 11.92 -3.52
C ALA A 216 -1.96 13.33 -3.16
N TYR A 217 -1.65 14.30 -4.00
CA TYR A 217 -2.02 15.69 -3.71
C TYR A 217 -2.95 16.28 -4.75
N PHE A 218 -3.63 17.35 -4.35
CA PHE A 218 -4.51 18.14 -5.21
C PHE A 218 -3.95 19.55 -5.40
N ILE A 219 -4.15 20.12 -6.57
CA ILE A 219 -4.02 21.57 -6.78
C ILE A 219 -5.42 22.16 -6.80
N ALA A 220 -5.67 23.10 -5.91
CA ALA A 220 -7.03 23.58 -5.65
C ALA A 220 -7.20 25.08 -5.81
N ASP A 221 -8.37 25.45 -6.32
CA ASP A 221 -8.84 26.83 -6.40
C ASP A 221 -10.04 26.99 -5.48
N GLY A 222 -9.99 27.99 -4.60
CA GLY A 222 -11.12 28.27 -3.72
C GLY A 222 -11.82 29.54 -4.14
N ASP A 223 -13.14 29.54 -4.01
CA ASP A 223 -13.96 30.73 -4.23
C ASP A 223 -15.03 30.85 -3.16
N VAL A 224 -15.41 32.09 -2.85
CA VAL A 224 -16.47 32.34 -1.89
C VAL A 224 -17.49 33.23 -2.58
N THR A 225 -18.75 32.79 -2.56
CA THR A 225 -19.83 33.56 -3.16
C THR A 225 -20.63 34.25 -2.09
N ALA A 226 -21.40 35.25 -2.48
CA ALA A 226 -22.12 36.10 -1.54
C ALA A 226 -23.60 35.72 -1.41
N SER A 227 -24.10 34.90 -2.35
CA SER A 227 -25.52 34.57 -2.43
C SER A 227 -25.78 33.30 -3.23
N LEU A 228 -27.01 32.80 -3.16
CA LEU A 228 -27.43 31.66 -3.97
C LEU A 228 -27.28 31.94 -5.47
N ASP A 229 -27.67 33.14 -5.90
CA ASP A 229 -27.54 33.55 -7.30
C ASP A 229 -26.09 33.49 -7.77
N GLU A 230 -25.17 33.96 -6.93
CA GLU A 230 -23.74 33.90 -7.24
C GLU A 230 -23.22 32.45 -7.25
N THR A 231 -23.66 31.64 -6.28
CA THR A 231 -23.30 30.22 -6.25
C THR A 231 -23.71 29.51 -7.54
N ILE A 232 -24.97 29.70 -7.95
CA ILE A 232 -25.45 29.13 -9.20
C ILE A 232 -24.69 29.64 -10.44
N ALA A 233 -24.44 30.94 -10.51
CA ALA A 233 -23.70 31.48 -11.66
C ALA A 233 -22.30 30.87 -11.80
N LEU A 234 -21.61 30.73 -10.66
CA LEU A 234 -20.26 30.15 -10.65
C LEU A 234 -20.26 28.74 -11.23
N HIS A 235 -21.30 27.96 -10.92
CA HIS A 235 -21.41 26.60 -11.43
C HIS A 235 -21.96 26.54 -12.84
N SER A 236 -22.46 27.66 -13.34
CA SER A 236 -23.12 27.71 -14.65
C SER A 236 -22.32 28.46 -15.71
N ASP A 237 -21.14 28.94 -15.34
CA ASP A 237 -20.39 29.81 -16.25
C ASP A 237 -19.36 29.08 -17.10
N GLY A 238 -19.34 27.75 -17.00
CA GLY A 238 -18.41 26.92 -17.78
C GLY A 238 -17.15 26.51 -17.02
N SER A 239 -16.93 27.12 -15.86
CA SER A 239 -15.70 26.85 -15.09
C SER A 239 -15.59 25.42 -14.58
N GLU A 240 -16.71 24.75 -14.38
CA GLU A 240 -16.71 23.37 -13.88
C GLU A 240 -15.91 22.40 -14.75
N ALA A 241 -15.93 22.63 -16.06
CA ALA A 241 -15.16 21.80 -17.00
C ALA A 241 -13.63 21.89 -16.83
N ARG A 242 -13.15 22.87 -16.07
CA ARG A 242 -11.72 23.04 -15.84
C ARG A 242 -11.24 22.28 -14.60
N TYR A 243 -12.17 21.65 -13.88
CA TYR A 243 -11.84 20.95 -12.64
C TYR A 243 -12.43 19.56 -12.64
N THR A 244 -11.62 18.58 -12.25
CA THR A 244 -12.11 17.21 -12.12
C THR A 244 -12.90 17.03 -10.82
N TYR A 245 -12.55 17.79 -9.79
CA TYR A 245 -13.20 17.73 -8.48
C TYR A 245 -13.80 19.08 -8.13
N SER A 246 -15.03 19.07 -7.61
CA SER A 246 -15.73 20.32 -7.25
C SER A 246 -16.86 20.07 -6.26
N SER A 247 -16.86 20.80 -5.15
CA SER A 247 -17.97 20.79 -4.19
C SER A 247 -18.00 22.09 -3.40
N ALA A 248 -19.07 22.29 -2.63
CA ALA A 248 -19.24 23.53 -1.88
C ALA A 248 -19.99 23.34 -0.56
N TRP A 249 -19.66 24.16 0.43
CA TRP A 249 -20.51 24.28 1.61
CA TRP A 249 -20.48 24.30 1.64
C TRP A 249 -21.35 25.50 1.42
N PHE A 250 -22.64 25.38 1.69
CA PHE A 250 -23.50 26.56 1.54
C PHE A 250 -24.28 26.93 2.80
N ASP A 251 -24.77 28.17 2.81
CA ASP A 251 -25.51 28.72 3.92
C ASP A 251 -27.00 28.46 3.67
N ALA A 252 -27.62 27.66 4.53
CA ALA A 252 -29.04 27.33 4.39
C ALA A 252 -29.90 28.00 5.46
N ILE A 253 -29.27 28.80 6.31
CA ILE A 253 -29.95 29.43 7.45
C ILE A 253 -30.24 30.92 7.25
N SER A 254 -29.28 31.67 6.71
CA SER A 254 -29.44 33.11 6.53
C SER A 254 -30.57 33.46 5.58
N ALA A 255 -31.27 34.56 5.88
CA ALA A 255 -32.26 35.12 4.97
C ALA A 255 -31.57 35.54 3.68
N PRO A 256 -32.30 35.54 2.56
CA PRO A 256 -31.80 36.13 1.31
C PRO A 256 -31.45 37.60 1.53
N PRO A 257 -30.40 38.12 0.86
CA PRO A 257 -29.61 37.49 -0.20
C PRO A 257 -28.44 36.62 0.26
N LYS A 258 -28.20 36.54 1.58
CA LYS A 258 -27.10 35.71 2.08
C LYS A 258 -27.41 34.22 1.90
N LEU A 259 -28.68 33.86 1.93
CA LEU A 259 -29.10 32.47 1.69
C LEU A 259 -28.39 31.89 0.47
N GLY A 260 -27.73 30.76 0.65
CA GLY A 260 -27.12 30.06 -0.47
C GLY A 260 -25.73 30.57 -0.87
N ARG A 261 -25.18 31.50 -0.09
CA ARG A 261 -23.76 31.84 -0.25
C ARG A 261 -22.95 30.58 0.08
N ALA A 262 -21.75 30.47 -0.49
CA ALA A 262 -21.01 29.21 -0.45
C ALA A 262 -19.50 29.40 -0.39
N ALA A 263 -18.83 28.45 0.24
CA ALA A 263 -17.38 28.29 0.14
C ALA A 263 -17.18 27.11 -0.82
N VAL A 264 -16.58 27.40 -1.97
CA VAL A 264 -16.43 26.44 -3.07
C VAL A 264 -14.98 25.98 -3.14
N SER A 265 -14.78 24.67 -3.26
CA SER A 265 -13.44 24.08 -3.36
C SER A 265 -13.37 23.26 -4.64
N ARG A 266 -12.48 23.63 -5.56
CA ARG A 266 -12.37 22.92 -6.83
C ARG A 266 -10.91 22.62 -7.13
N GLY A 267 -10.66 21.52 -7.81
CA GLY A 267 -9.28 21.11 -8.02
C GLY A 267 -9.12 19.89 -8.90
N ARG A 268 -7.87 19.44 -8.99
CA ARG A 268 -7.51 18.24 -9.72
C ARG A 268 -6.32 17.62 -9.02
N LEU A 269 -6.06 16.34 -9.29
CA LEU A 269 -4.90 15.69 -8.73
C LEU A 269 -3.66 16.39 -9.26
N ALA A 270 -2.69 16.64 -8.40
CA ALA A 270 -1.43 17.26 -8.80
C ALA A 270 -0.52 16.28 -9.55
N THR A 271 0.37 16.81 -10.39
CA THR A 271 1.49 16.04 -10.93
C THR A 271 2.73 16.32 -10.08
N VAL A 272 3.74 15.45 -10.17
CA VAL A 272 4.93 15.55 -9.32
C VAL A 272 5.63 16.91 -9.44
N GLU A 273 5.73 17.42 -10.67
CA GLU A 273 6.44 18.69 -10.92
C GLU A 273 5.69 19.91 -10.37
N GLN A 274 4.39 19.75 -10.13
CA GLN A 274 3.59 20.80 -9.50
C GLN A 274 3.76 20.85 -7.98
N LEU A 275 4.35 19.80 -7.41
CA LEU A 275 4.63 19.77 -5.98
C LEU A 275 5.84 20.65 -5.66
N PRO A 276 5.84 21.29 -4.48
CA PRO A 276 7.05 21.96 -3.99
C PRO A 276 8.15 20.94 -3.71
N ALA A 277 9.41 21.39 -3.73
CA ALA A 277 10.58 20.51 -3.65
C ALA A 277 10.56 19.52 -2.47
N LYS A 278 10.10 19.99 -1.31
CA LYS A 278 10.08 19.17 -0.09
C LYS A 278 9.16 17.94 -0.17
N LEU A 279 8.13 18.02 -1.01
CA LEU A 279 7.13 16.96 -1.12
C LEU A 279 7.40 15.99 -2.28
N ARG A 280 8.35 16.35 -3.14
CA ARG A 280 8.58 15.62 -4.40
C ARG A 280 9.32 14.30 -4.24
N SER A 281 9.96 14.09 -3.09
CA SER A 281 10.70 12.85 -2.81
C SER A 281 9.76 11.71 -2.42
N GLU A 282 8.59 12.05 -1.91
CA GLU A 282 7.55 11.08 -1.58
C GLU A 282 6.21 11.60 -2.12
N PRO A 283 6.03 11.59 -3.46
CA PRO A 283 4.83 12.22 -4.01
C PRO A 283 3.53 11.46 -3.73
N LEU A 284 3.64 10.15 -3.47
CA LEU A 284 2.47 9.29 -3.29
C LEU A 284 2.15 9.00 -1.84
N LYS A 285 2.82 9.72 -0.95
CA LYS A 285 2.68 9.56 0.49
C LYS A 285 1.31 9.99 0.99
N PHE A 286 0.66 9.16 1.79
CA PHE A 286 -0.47 9.63 2.58
C PHE A 286 0.01 9.93 4.00
N ASP A 287 -0.02 11.20 4.36
CA ASP A 287 0.38 11.63 5.71
C ASP A 287 -0.71 11.35 6.74
N ALA A 288 -0.28 10.99 7.95
CA ALA A 288 -1.19 10.60 9.03
C ALA A 288 -2.02 11.78 9.55
N PRO A 289 -3.30 11.55 9.88
CA PRO A 289 -4.13 12.56 10.54
C PRO A 289 -3.53 12.94 11.90
N GLN A 290 -3.30 14.24 12.11
CA GLN A 290 -2.60 14.73 13.30
C GLN A 290 -3.42 14.64 14.59
N LEU A 291 -2.72 14.81 15.72
CA LEU A 291 -3.30 14.63 17.05
C LEU A 291 -4.39 15.65 17.35
N LEU A 292 -4.04 16.94 17.21
CA LEU A 292 -4.94 18.02 17.62
C LEU A 292 -5.90 18.44 16.51
N THR A 293 -7.16 18.59 16.88
CA THR A 293 -8.18 19.19 16.02
C THR A 293 -8.54 20.58 16.58
N LEU A 294 -9.33 21.34 15.84
CA LEU A 294 -9.69 22.70 16.26
C LEU A 294 -10.41 22.82 17.63
N PRO A 295 -11.33 21.88 17.95
CA PRO A 295 -11.94 21.92 19.30
C PRO A 295 -10.92 21.71 20.43
N ASP A 296 -9.85 20.98 20.14
CA ASP A 296 -8.79 20.74 21.12
C ASP A 296 -7.97 22.02 21.35
N VAL A 297 -7.71 22.76 20.27
CA VAL A 297 -6.89 23.99 20.33
C VAL A 297 -7.71 25.22 20.74
N PHE A 298 -8.95 25.32 20.24
CA PHE A 298 -9.83 26.42 20.60
C PHE A 298 -11.14 25.91 21.19
N PRO A 299 -11.14 25.51 22.47
CA PRO A 299 -12.30 24.88 23.11
C PRO A 299 -13.50 25.81 23.25
N ASN A 300 -13.24 27.12 23.30
CA ASN A 300 -14.30 28.12 23.42
C ASN A 300 -14.86 28.60 22.06
N GLY A 301 -14.50 27.90 20.99
CA GLY A 301 -15.01 28.21 19.65
C GLY A 301 -14.13 29.17 18.87
N LEU A 302 -14.58 29.52 17.66
CA LEU A 302 -13.78 30.36 16.76
C LEU A 302 -14.30 31.79 16.63
N ALA A 303 -15.41 32.09 17.30
CA ALA A 303 -16.07 33.38 17.19
C ALA A 303 -15.36 34.48 17.97
N ASN A 304 -15.28 35.68 17.38
CA ASN A 304 -14.84 36.86 18.09
C ASN A 304 -15.77 38.03 17.73
N LYS A 305 -15.45 39.25 18.18
CA LYS A 305 -16.34 40.40 17.95
C LYS A 305 -16.47 40.80 16.49
N TYR A 306 -15.59 40.28 15.65
CA TYR A 306 -15.55 40.61 14.22
C TYR A 306 -16.29 39.64 13.30
N THR A 307 -16.51 38.42 13.79
CA THR A 307 -17.01 37.29 13.00
C THR A 307 -18.26 37.56 12.14
N PHE A 308 -19.24 38.24 12.72
CA PHE A 308 -20.56 38.35 12.08
C PHE A 308 -20.80 39.71 11.42
N GLY A 309 -19.79 40.56 11.43
CA GLY A 309 -19.86 41.85 10.76
C GLY A 309 -19.00 41.88 9.51
N PRO A 310 -18.84 43.07 8.92
CA PRO A 310 -18.13 43.30 7.66
C PRO A 310 -16.66 42.88 7.62
N ILE A 311 -15.94 42.95 8.75
CA ILE A 311 -14.56 42.45 8.76
C ILE A 311 -14.55 40.92 8.71
N GLY A 312 -15.47 40.28 9.44
CA GLY A 312 -15.67 38.83 9.35
C GLY A 312 -15.95 38.38 7.92
N GLU A 313 -16.85 39.10 7.25
CA GLU A 313 -17.17 38.83 5.85
C GLU A 313 -15.95 38.86 4.96
N LEU A 314 -15.16 39.93 5.06
CA LEU A 314 -13.94 40.07 4.28
C LEU A 314 -12.96 38.97 4.59
N TRP A 315 -12.82 38.65 5.88
CA TRP A 315 -11.87 37.64 6.31
C TRP A 315 -12.20 36.30 5.72
N TYR A 316 -13.47 35.91 5.77
CA TYR A 316 -13.88 34.61 5.23
C TYR A 316 -13.78 34.58 3.71
N ARG A 317 -14.16 35.68 3.05
CA ARG A 317 -13.94 35.85 1.61
C ARG A 317 -12.48 35.62 1.22
N LYS A 318 -11.57 36.31 1.92
CA LYS A 318 -10.13 36.21 1.64
C LYS A 318 -9.55 34.83 1.90
N SER A 319 -9.90 34.22 3.04
CA SER A 319 -9.34 32.92 3.38
C SER A 319 -9.81 31.83 2.41
N GLY A 320 -11.06 31.93 1.98
CA GLY A 320 -11.65 30.95 1.06
C GLY A 320 -11.41 31.22 -0.42
N THR A 321 -10.67 32.28 -0.73
CA THR A 321 -10.34 32.60 -2.12
C THR A 321 -8.85 32.43 -2.36
N TYR A 322 -8.51 31.56 -3.31
CA TYR A 322 -7.10 31.20 -3.56
C TYR A 322 -6.98 30.44 -4.87
N ARG A 323 -5.77 30.43 -5.43
CA ARG A 323 -5.50 29.76 -6.71
C ARG A 323 -4.26 28.89 -6.60
N GLY A 324 -4.36 27.67 -7.13
CA GLY A 324 -3.20 26.77 -7.22
C GLY A 324 -2.60 26.31 -5.91
N LYS A 325 -3.43 26.13 -4.90
CA LYS A 325 -2.96 25.70 -3.60
C LYS A 325 -2.79 24.18 -3.57
N VAL A 326 -1.60 23.73 -3.16
CA VAL A 326 -1.32 22.31 -3.05
C VAL A 326 -1.90 21.80 -1.74
N GLN A 327 -2.72 20.75 -1.84
CA GLN A 327 -3.37 20.20 -0.65
C GLN A 327 -3.30 18.68 -0.65
N ASN A 328 -3.16 18.10 0.54
CA ASN A 328 -3.29 16.64 0.70
C ASN A 328 -4.77 16.23 0.74
N LEU A 329 -5.02 14.92 0.91
CA LEU A 329 -6.39 14.40 0.88
C LEU A 329 -7.29 15.01 1.95
N THR A 330 -6.81 15.06 3.19
CA THR A 330 -7.61 15.62 4.29
C THR A 330 -7.93 17.09 4.04
N GLN A 331 -6.93 17.87 3.64
CA GLN A 331 -7.13 19.29 3.36
C GLN A 331 -8.19 19.51 2.29
N PHE A 332 -8.03 18.82 1.17
CA PHE A 332 -8.89 19.05 0.01
C PHE A 332 -10.24 18.37 0.14
N TYR A 333 -10.23 17.12 0.61
CA TYR A 333 -11.39 16.23 0.48
C TYR A 333 -12.15 16.02 1.78
N HIS A 334 -11.46 16.21 2.91
CA HIS A 334 -12.10 16.04 4.21
C HIS A 334 -11.93 17.26 5.09
N PRO A 335 -12.30 18.46 4.59
CA PRO A 335 -11.99 19.70 5.33
C PRO A 335 -12.77 19.89 6.64
N LEU A 336 -13.82 19.08 6.84
CA LEU A 336 -14.56 19.10 8.10
C LEU A 336 -13.87 18.33 9.22
N ASP A 337 -12.91 17.49 8.88
CA ASP A 337 -12.16 16.69 9.85
C ASP A 337 -11.48 17.54 10.93
N MET A 338 -10.99 18.71 10.53
CA MET A 338 -10.32 19.62 11.46
C MET A 338 -11.27 20.18 12.52
N PHE A 339 -12.57 20.19 12.22
CA PHE A 339 -13.59 20.68 13.16
C PHE A 339 -13.96 19.68 14.25
N GLY A 340 -13.38 18.48 14.19
CA GLY A 340 -13.52 17.47 15.25
C GLY A 340 -14.93 17.29 15.79
N GLU A 341 -15.06 17.36 17.11
CA GLU A 341 -16.33 17.10 17.80
C GLU A 341 -17.44 18.12 17.56
N TRP A 342 -17.09 19.25 16.93
CA TRP A 342 -18.07 20.34 16.68
C TRP A 342 -19.16 20.00 15.70
N ASN A 343 -18.83 19.25 14.64
CA ASN A 343 -19.84 18.85 13.66
C ASN A 343 -20.80 17.78 14.20
N ARG A 344 -22.08 17.93 13.85
CA ARG A 344 -23.17 17.04 14.30
C ARG A 344 -23.34 17.07 15.82
N ALA A 345 -23.30 18.26 16.42
CA ALA A 345 -23.46 18.40 17.87
C ALA A 345 -24.96 18.42 18.28
N GLY A 350 -29.80 12.88 17.09
CA GLY A 350 -31.08 13.55 16.77
C GLY A 350 -30.94 14.50 15.61
N PHE A 351 -30.42 13.99 14.49
CA PHE A 351 -30.35 14.73 13.24
C PHE A 351 -30.95 13.89 12.14
N LEU A 352 -31.56 14.55 11.16
CA LEU A 352 -32.08 13.88 9.97
C LEU A 352 -31.29 14.38 8.77
N GLN A 353 -30.59 13.46 8.10
CA GLN A 353 -29.83 13.77 6.89
C GLN A 353 -30.77 13.70 5.69
N TYR A 354 -30.78 14.73 4.86
CA TYR A 354 -31.69 14.79 3.73
C TYR A 354 -30.89 15.20 2.51
N GLN A 355 -30.89 14.36 1.47
CA GLN A 355 -30.12 14.64 0.28
C GLN A 355 -30.97 14.46 -0.98
N PHE A 356 -30.90 15.42 -1.89
CA PHE A 356 -31.71 15.34 -3.11
C PHE A 356 -30.95 15.99 -4.26
N VAL A 357 -31.37 15.66 -5.48
CA VAL A 357 -30.83 16.28 -6.67
C VAL A 357 -31.99 16.81 -7.52
N ILE A 358 -31.84 18.00 -8.09
CA ILE A 358 -32.84 18.58 -8.98
C ILE A 358 -32.20 18.69 -10.36
N PRO A 359 -32.90 18.28 -11.45
CA PRO A 359 -32.31 18.38 -12.80
C PRO A 359 -31.78 19.78 -13.12
N THR A 360 -30.66 19.83 -13.85
CA THR A 360 -29.91 21.07 -14.14
C THR A 360 -30.81 22.23 -14.61
N GLU A 361 -31.66 21.93 -15.60
CA GLU A 361 -32.53 22.94 -16.22
C GLU A 361 -33.49 23.59 -15.22
N ALA A 362 -33.83 22.88 -14.17
CA ALA A 362 -34.80 23.39 -13.20
C ALA A 362 -34.17 24.31 -12.17
N VAL A 363 -33.48 25.35 -12.65
CA VAL A 363 -32.72 26.22 -11.74
C VAL A 363 -33.61 27.05 -10.81
N ASP A 364 -34.70 27.62 -11.34
CA ASP A 364 -35.63 28.40 -10.52
C ASP A 364 -36.31 27.54 -9.47
N GLU A 365 -36.65 26.31 -9.88
CA GLU A 365 -37.26 25.32 -9.01
C GLU A 365 -36.30 24.98 -7.86
N PHE A 366 -35.03 24.77 -8.21
CA PHE A 366 -33.98 24.53 -7.24
C PHE A 366 -33.87 25.68 -6.23
N LYS A 367 -33.83 26.91 -6.74
CA LYS A 367 -33.77 28.08 -5.86
C LYS A 367 -34.97 28.14 -4.93
N LYS A 368 -36.13 27.79 -5.46
CA LYS A 368 -37.38 27.82 -4.70
C LYS A 368 -37.29 26.85 -3.52
N ILE A 369 -36.77 25.65 -3.79
CA ILE A 369 -36.63 24.65 -2.73
C ILE A 369 -35.66 25.12 -1.64
N ILE A 370 -34.58 25.79 -2.02
CA ILE A 370 -33.64 26.33 -1.04
C ILE A 370 -34.31 27.39 -0.16
N GLY A 371 -35.11 28.26 -0.79
CA GLY A 371 -35.94 29.25 -0.09
C GLY A 371 -36.91 28.62 0.90
N VAL A 372 -37.59 27.56 0.46
CA VAL A 372 -38.47 26.79 1.33
C VAL A 372 -37.74 26.27 2.58
N ILE A 373 -36.55 25.70 2.39
CA ILE A 373 -35.78 25.17 3.52
C ILE A 373 -35.42 26.29 4.52
N GLN A 374 -34.99 27.44 3.99
CA GLN A 374 -34.57 28.54 4.84
C GLN A 374 -35.73 29.09 5.68
N ALA A 375 -36.91 29.18 5.07
CA ALA A 375 -38.08 29.76 5.74
C ALA A 375 -38.83 28.75 6.62
N SER A 376 -38.32 27.54 6.69
CA SER A 376 -39.03 26.42 7.32
C SER A 376 -39.00 26.45 8.84
N GLY A 377 -38.00 27.09 9.43
CA GLY A 377 -37.81 27.06 10.88
C GLY A 377 -36.93 25.89 11.31
N HIS A 378 -36.52 25.09 10.33
CA HIS A 378 -35.56 24.02 10.56
C HIS A 378 -34.21 24.47 10.06
N TYR A 379 -33.22 24.42 10.94
CA TYR A 379 -31.89 25.01 10.66
C TYR A 379 -30.80 23.98 10.44
N SER A 380 -30.27 23.96 9.23
CA SER A 380 -29.16 23.07 8.89
C SER A 380 -27.85 23.86 8.75
N PHE A 381 -26.87 23.46 9.55
CA PHE A 381 -25.55 24.10 9.56
C PHE A 381 -24.57 23.45 8.58
N LEU A 382 -24.78 22.17 8.30
CA LEU A 382 -23.87 21.41 7.44
C LEU A 382 -24.56 21.08 6.13
N ASN A 383 -24.16 21.80 5.08
CA ASN A 383 -24.83 21.73 3.79
C ASN A 383 -23.83 21.57 2.65
N VAL A 384 -23.88 20.43 1.97
CA VAL A 384 -23.01 20.24 0.81
C VAL A 384 -23.79 20.53 -0.46
N PHE A 385 -23.11 21.16 -1.42
CA PHE A 385 -23.69 21.55 -2.68
C PHE A 385 -22.74 21.03 -3.75
N LYS A 386 -23.30 20.39 -4.78
CA LYS A 386 -22.49 19.94 -5.89
C LYS A 386 -23.34 19.89 -7.16
N LEU A 387 -22.74 20.23 -8.30
CA LEU A 387 -23.38 20.03 -9.61
C LEU A 387 -22.95 18.67 -10.20
N PHE A 388 -23.89 17.73 -10.25
CA PHE A 388 -23.64 16.41 -10.83
C PHE A 388 -23.54 16.48 -12.34
N GLY A 389 -22.77 15.56 -12.91
CA GLY A 389 -22.71 15.38 -14.35
C GLY A 389 -23.64 14.28 -14.87
N PRO A 390 -23.34 13.77 -16.08
CA PRO A 390 -24.19 12.76 -16.71
C PRO A 390 -24.44 11.53 -15.84
N ARG A 391 -25.62 10.96 -15.98
CA ARG A 391 -25.98 9.76 -15.22
C ARG A 391 -25.49 8.48 -15.89
N ASN A 392 -25.66 7.35 -15.22
CA ASN A 392 -25.32 6.08 -15.84
C ASN A 392 -26.57 5.23 -16.11
N GLN A 393 -26.37 4.00 -16.57
CA GLN A 393 -27.49 3.21 -17.08
C GLN A 393 -28.17 2.36 -16.00
N ALA A 394 -27.72 2.49 -14.75
CA ALA A 394 -28.36 1.76 -13.64
C ALA A 394 -29.74 2.37 -13.36
N PRO A 395 -30.81 1.55 -13.46
CA PRO A 395 -32.17 2.10 -13.29
C PRO A 395 -32.42 2.74 -11.93
N LEU A 396 -31.77 2.22 -10.88
CA LEU A 396 -31.97 2.76 -9.55
C LEU A 396 -30.85 3.70 -9.09
N SER A 397 -29.93 4.04 -9.99
CA SER A 397 -28.84 4.96 -9.63
C SER A 397 -29.41 6.31 -9.21
N PHE A 398 -28.90 6.87 -8.11
CA PHE A 398 -29.35 8.18 -7.62
C PHE A 398 -28.93 9.37 -8.51
N PRO A 399 -27.62 9.50 -8.82
CA PRO A 399 -27.20 10.75 -9.45
C PRO A 399 -27.82 10.97 -10.82
N ILE A 400 -28.32 12.18 -11.04
CA ILE A 400 -28.70 12.64 -12.38
C ILE A 400 -28.04 14.01 -12.54
N PRO A 401 -27.80 14.45 -13.79
CA PRO A 401 -27.20 15.77 -13.94
C PRO A 401 -28.07 16.83 -13.28
N GLY A 402 -27.46 17.69 -12.45
CA GLY A 402 -28.25 18.69 -11.76
C GLY A 402 -27.74 19.04 -10.39
N TRP A 403 -28.55 19.77 -9.66
CA TRP A 403 -28.17 20.43 -8.42
C TRP A 403 -28.36 19.52 -7.24
N ASN A 404 -27.24 19.07 -6.68
CA ASN A 404 -27.28 18.11 -5.59
C ASN A 404 -27.00 18.81 -4.27
N ILE A 405 -27.82 18.50 -3.28
CA ILE A 405 -27.71 19.11 -1.96
C ILE A 405 -27.92 18.11 -0.82
N CYS A 406 -27.11 18.22 0.23
CA CYS A 406 -27.33 17.48 1.47
C CYS A 406 -27.53 18.45 2.60
N VAL A 407 -28.52 18.21 3.42
CA VAL A 407 -28.77 19.04 4.59
C VAL A 407 -28.97 18.14 5.80
N ASP A 408 -28.77 18.71 6.98
CA ASP A 408 -28.76 17.95 8.21
C ASP A 408 -29.68 18.70 9.17
N PHE A 409 -30.88 18.16 9.41
CA PHE A 409 -31.83 18.84 10.29
C PHE A 409 -31.87 18.23 11.68
N PRO A 410 -31.74 19.06 12.73
CA PRO A 410 -31.98 18.53 14.07
C PRO A 410 -33.41 18.00 14.20
N ILE A 411 -33.57 16.84 14.83
CA ILE A 411 -34.92 16.29 15.01
C ILE A 411 -35.67 17.13 16.05
N LYS A 412 -36.80 17.69 15.61
CA LYS A 412 -37.66 18.49 16.49
C LYS A 412 -39.08 18.51 15.93
N ASP A 413 -40.04 19.00 16.71
CA ASP A 413 -41.44 18.97 16.29
C ASP A 413 -41.64 19.60 14.91
N GLY A 414 -42.42 18.89 14.08
CA GLY A 414 -42.80 19.39 12.78
C GLY A 414 -41.88 18.92 11.66
N LEU A 415 -40.73 18.37 12.01
CA LEU A 415 -39.74 17.96 11.00
C LEU A 415 -40.24 16.88 10.05
N GLY A 416 -40.84 15.83 10.60
CA GLY A 416 -41.36 14.73 9.80
C GLY A 416 -42.33 15.21 8.73
N LYS A 417 -43.27 16.07 9.12
CA LYS A 417 -44.24 16.57 8.15
C LYS A 417 -43.60 17.56 7.18
N PHE A 418 -42.64 18.36 7.65
CA PHE A 418 -41.92 19.24 6.73
C PHE A 418 -41.13 18.50 5.64
N VAL A 419 -40.39 17.46 6.03
CA VAL A 419 -39.59 16.70 5.05
C VAL A 419 -40.49 15.98 4.04
N SER A 420 -41.70 15.60 4.46
CA SER A 420 -42.68 15.07 3.52
C SER A 420 -43.10 16.11 2.48
N GLU A 421 -43.18 17.38 2.88
CA GLU A 421 -43.45 18.46 1.92
C GLU A 421 -42.27 18.70 1.00
N LEU A 422 -41.05 18.59 1.55
CA LEU A 422 -39.85 18.65 0.75
C LEU A 422 -39.86 17.54 -0.29
N ASP A 423 -40.21 16.31 0.12
CA ASP A 423 -40.32 15.19 -0.84
C ASP A 423 -41.18 15.58 -2.04
N ARG A 424 -42.35 16.18 -1.75
CA ARG A 424 -43.32 16.55 -2.79
C ARG A 424 -42.72 17.55 -3.78
N ARG A 425 -42.00 18.54 -3.25
CA ARG A 425 -41.31 19.53 -4.06
C ARG A 425 -40.23 18.90 -4.90
N VAL A 426 -39.40 18.06 -4.28
CA VAL A 426 -38.32 17.37 -5.01
C VAL A 426 -38.91 16.55 -6.14
N LEU A 427 -39.95 15.78 -5.84
CA LEU A 427 -40.64 14.98 -6.87
C LEU A 427 -41.19 15.82 -8.02
N GLU A 428 -41.98 16.84 -7.66
CA GLU A 428 -42.63 17.72 -8.62
C GLU A 428 -41.61 18.37 -9.55
N PHE A 429 -40.42 18.65 -9.02
CA PHE A 429 -39.38 19.31 -9.79
C PHE A 429 -38.41 18.32 -10.48
N GLY A 430 -38.87 17.08 -10.72
CA GLY A 430 -38.08 16.09 -11.46
C GLY A 430 -36.90 15.44 -10.74
N GLY A 431 -36.74 15.73 -9.45
CA GLY A 431 -35.60 15.27 -8.68
C GLY A 431 -35.87 13.98 -7.93
N ARG A 432 -34.93 13.56 -7.10
CA ARG A 432 -35.09 12.35 -6.31
C ARG A 432 -34.29 12.45 -5.03
N LEU A 433 -34.63 11.57 -4.09
CA LEU A 433 -33.86 11.31 -2.88
C LEU A 433 -32.92 10.13 -3.09
N TYR A 434 -31.93 10.00 -2.18
CA TYR A 434 -30.88 9.02 -2.25
C TYR A 434 -31.17 7.94 -1.20
N THR A 435 -31.20 6.69 -1.61
CA THR A 435 -31.48 5.59 -0.65
C THR A 435 -30.48 5.55 0.51
N ALA A 436 -29.22 5.92 0.26
CA ALA A 436 -28.19 5.83 1.30
C ALA A 436 -28.42 6.81 2.45
N LYS A 437 -29.32 7.78 2.23
CA LYS A 437 -29.61 8.78 3.25
C LYS A 437 -31.00 8.65 3.86
N ASP A 438 -31.86 7.85 3.21
CA ASP A 438 -33.29 7.84 3.52
C ASP A 438 -33.67 6.78 4.53
N SER A 439 -34.48 7.17 5.51
CA SER A 439 -35.13 6.19 6.38
C SER A 439 -36.63 6.47 6.51
N ARG A 440 -37.14 7.49 5.83
CA ARG A 440 -38.53 7.87 6.05
C ARG A 440 -39.43 8.19 4.84
N THR A 441 -38.92 8.24 3.62
CA THR A 441 -39.83 8.53 2.51
C THR A 441 -40.80 7.36 2.26
N THR A 442 -41.87 7.61 1.51
CA THR A 442 -42.87 6.56 1.23
C THR A 442 -42.56 5.81 -0.06
N ALA A 443 -43.09 4.60 -0.18
CA ALA A 443 -42.99 3.86 -1.44
C ALA A 443 -43.55 4.66 -2.62
N GLU A 444 -44.72 5.28 -2.44
CA GLU A 444 -45.35 6.03 -3.52
C GLU A 444 -44.41 7.12 -4.04
N THR A 445 -43.83 7.88 -3.11
CA THR A 445 -42.91 8.96 -3.46
C THR A 445 -41.66 8.44 -4.19
N PHE A 446 -41.05 7.42 -3.62
CA PHE A 446 -39.84 6.84 -4.17
C PHE A 446 -40.07 6.31 -5.58
N HIS A 447 -41.16 5.58 -5.80
CA HIS A 447 -41.43 5.04 -7.13
C HIS A 447 -41.62 6.13 -8.14
N ALA A 448 -42.24 7.23 -7.77
CA ALA A 448 -42.46 8.32 -8.73
C ALA A 448 -41.15 9.05 -9.06
N MET A 449 -40.23 9.07 -8.11
CA MET A 449 -38.92 9.71 -8.27
C MET A 449 -37.99 8.88 -9.14
N TYR A 450 -38.22 7.57 -9.18
CA TYR A 450 -37.42 6.63 -9.93
C TYR A 450 -38.28 5.96 -11.02
N PRO A 451 -38.48 6.64 -12.18
CA PRO A 451 -39.41 6.09 -13.19
C PRO A 451 -38.96 4.77 -13.82
N ARG A 452 -37.72 4.35 -13.55
CA ARG A 452 -37.26 3.03 -14.00
C ARG A 452 -37.38 1.95 -12.91
N VAL A 453 -38.11 2.26 -11.86
CA VAL A 453 -38.25 1.30 -10.74
C VAL A 453 -38.93 0.00 -11.20
N ASP A 454 -39.96 0.09 -12.05
CA ASP A 454 -40.67 -1.11 -12.52
C ASP A 454 -39.76 -2.00 -13.35
N GLU A 455 -38.93 -1.36 -14.19
CA GLU A 455 -37.91 -2.03 -14.98
C GLU A 455 -36.94 -2.76 -14.03
N TRP A 456 -36.51 -2.08 -12.98
CA TRP A 456 -35.60 -2.69 -12.00
C TRP A 456 -36.26 -3.82 -11.22
N ILE A 457 -37.51 -3.61 -10.79
CA ILE A 457 -38.26 -4.65 -10.06
C ILE A 457 -38.40 -5.94 -10.90
N SER A 458 -38.62 -5.77 -12.21
CA SER A 458 -38.72 -6.92 -13.12
C SER A 458 -37.44 -7.73 -13.17
N VAL A 459 -36.28 -7.07 -13.13
CA VAL A 459 -34.99 -7.76 -13.07
C VAL A 459 -34.86 -8.51 -11.76
N ARG A 460 -35.21 -7.83 -10.68
CA ARG A 460 -35.12 -8.43 -9.34
C ARG A 460 -36.01 -9.66 -9.23
N ARG A 461 -37.22 -9.60 -9.80
CA ARG A 461 -38.16 -10.73 -9.77
C ARG A 461 -37.64 -11.94 -10.55
N LYS A 462 -36.93 -11.68 -11.65
CA LYS A 462 -36.29 -12.75 -12.44
C LYS A 462 -35.18 -13.42 -11.65
N VAL A 463 -34.37 -12.62 -10.95
CA VAL A 463 -33.18 -13.13 -10.27
C VAL A 463 -33.47 -13.61 -8.85
N ASP A 464 -34.61 -13.20 -8.29
CA ASP A 464 -34.99 -13.58 -6.92
C ASP A 464 -36.52 -13.76 -6.75
N PRO A 465 -37.10 -14.78 -7.43
CA PRO A 465 -38.55 -15.01 -7.37
C PRO A 465 -39.10 -15.24 -5.97
N LEU A 466 -38.29 -15.86 -5.11
CA LEU A 466 -38.69 -16.21 -3.74
C LEU A 466 -38.43 -15.14 -2.69
N ARG A 467 -37.89 -14.00 -3.11
CA ARG A 467 -37.55 -12.92 -2.16
C ARG A 467 -36.56 -13.43 -1.10
N VAL A 468 -35.55 -14.16 -1.55
CA VAL A 468 -34.48 -14.62 -0.67
C VAL A 468 -33.74 -13.39 -0.11
N PHE A 469 -33.65 -12.35 -0.92
CA PHE A 469 -33.01 -11.10 -0.49
C PHE A 469 -34.04 -10.03 -0.17
N ALA A 470 -33.97 -9.54 1.06
CA ALA A 470 -34.99 -8.68 1.61
C ALA A 470 -34.38 -7.79 2.68
N SER A 471 -34.90 -6.59 2.84
CA SER A 471 -34.44 -5.66 3.86
C SER A 471 -35.59 -4.80 4.37
N ASP A 472 -35.37 -4.10 5.47
CA ASP A 472 -36.36 -3.15 5.97
C ASP A 472 -36.69 -2.09 4.91
N MET A 473 -35.65 -1.58 4.23
CA MET A 473 -35.90 -0.61 3.16
C MET A 473 -36.72 -1.19 2.01
N ALA A 474 -36.42 -2.43 1.63
CA ALA A 474 -37.13 -3.09 0.54
C ALA A 474 -38.62 -3.17 0.84
N ARG A 475 -38.96 -3.49 2.09
CA ARG A 475 -40.36 -3.58 2.47
C ARG A 475 -41.04 -2.23 2.60
N ARG A 476 -40.33 -1.26 3.16
CA ARG A 476 -40.85 0.10 3.29
C ARG A 476 -41.10 0.73 1.92
N LEU A 477 -40.14 0.58 1.01
CA LEU A 477 -40.22 1.21 -0.30
C LEU A 477 -40.85 0.32 -1.39
N GLU A 478 -41.39 -0.83 -0.98
CA GLU A 478 -42.05 -1.77 -1.89
C GLU A 478 -41.16 -2.12 -3.09
N LEU A 479 -39.95 -2.57 -2.75
CA LEU A 479 -38.98 -3.02 -3.73
C LEU A 479 -38.85 -4.53 -3.62
N LEU A 480 -39.43 -5.08 -2.55
CA LEU A 480 -39.37 -6.51 -2.24
C LEU A 480 -40.01 -7.36 -3.33
N THR B 27 24.26 11.44 -20.77
CA THR B 27 25.13 10.88 -19.67
C THR B 27 25.96 11.96 -19.01
N THR B 28 26.20 11.81 -17.71
CA THR B 28 26.97 12.77 -16.91
C THR B 28 28.27 12.14 -16.41
N ALA B 29 29.39 12.81 -16.67
CA ALA B 29 30.68 12.40 -16.11
C ALA B 29 30.65 12.59 -14.59
N THR B 30 30.68 11.48 -13.87
CA THR B 30 30.51 11.51 -12.41
C THR B 30 31.58 10.71 -11.67
N ARG B 31 32.12 11.31 -10.61
CA ARG B 31 33.03 10.62 -9.70
C ARG B 31 32.21 9.71 -8.78
N LEU B 32 32.49 8.42 -8.83
CA LEU B 32 31.73 7.43 -8.08
C LEU B 32 32.60 6.61 -7.13
N THR B 33 32.06 6.32 -5.94
CA THR B 33 32.66 5.34 -5.03
C THR B 33 31.55 4.41 -4.50
N GLY B 34 31.97 3.32 -3.85
CA GLY B 34 31.05 2.51 -3.06
C GLY B 34 30.68 3.22 -1.78
N TRP B 35 30.01 2.49 -0.87
CA TRP B 35 29.57 3.04 0.42
C TRP B 35 30.71 3.37 1.34
N GLY B 36 31.84 2.70 1.16
CA GLY B 36 33.03 2.93 1.99
C GLY B 36 33.79 4.19 1.63
N ARG B 37 33.31 4.91 0.60
CA ARG B 37 33.91 6.16 0.12
C ARG B 37 35.41 6.03 -0.18
N THR B 38 35.76 4.98 -0.92
CA THR B 38 37.16 4.70 -1.24
C THR B 38 37.33 4.33 -2.73
N ALA B 39 38.57 4.37 -3.20
CA ALA B 39 38.93 4.07 -4.60
C ALA B 39 37.97 4.67 -5.65
N PRO B 40 37.91 6.02 -5.73
CA PRO B 40 36.98 6.67 -6.66
C PRO B 40 37.37 6.49 -8.13
N SER B 41 36.39 6.52 -9.01
CA SER B 41 36.63 6.55 -10.45
C SER B 41 35.55 7.33 -11.19
N VAL B 42 35.95 8.07 -12.22
CA VAL B 42 35.04 8.87 -13.02
C VAL B 42 34.42 8.02 -14.14
N ALA B 43 33.10 8.00 -14.18
CA ALA B 43 32.38 7.30 -15.23
C ALA B 43 31.26 8.16 -15.81
N ASN B 44 30.80 7.78 -17.00
CA ASN B 44 29.63 8.39 -17.59
C ASN B 44 28.37 7.73 -17.04
N VAL B 45 27.57 8.52 -16.33
CA VAL B 45 26.36 8.03 -15.68
C VAL B 45 25.10 8.36 -16.48
N LEU B 46 24.43 7.32 -16.96
CA LEU B 46 23.10 7.45 -17.55
C LEU B 46 22.05 7.30 -16.45
N ARG B 47 21.09 8.21 -16.44
CA ARG B 47 20.04 8.21 -15.41
C ARG B 47 18.69 8.55 -16.04
N THR B 48 17.96 7.51 -16.44
CA THR B 48 16.71 7.66 -17.17
C THR B 48 15.65 6.63 -16.73
N PRO B 49 14.37 7.07 -16.61
CA PRO B 49 13.28 6.13 -16.35
C PRO B 49 12.82 5.39 -17.61
N ASP B 50 13.45 5.71 -18.73
CA ASP B 50 13.08 5.14 -20.03
C ASP B 50 13.93 3.92 -20.36
N ALA B 51 13.30 2.75 -20.34
CA ALA B 51 13.99 1.48 -20.60
C ALA B 51 14.56 1.41 -22.02
N GLU B 52 13.87 2.06 -22.96
CA GLU B 52 14.34 2.15 -24.35
C GLU B 52 15.72 2.81 -24.45
N MET B 53 15.92 3.89 -23.68
CA MET B 53 17.19 4.60 -23.59
C MET B 53 18.31 3.70 -23.08
N ILE B 54 17.98 2.84 -22.11
CA ILE B 54 18.94 1.92 -21.52
C ILE B 54 19.38 0.88 -22.54
N VAL B 55 18.42 0.37 -23.32
CA VAL B 55 18.72 -0.56 -24.42
C VAL B 55 19.64 0.10 -25.45
N LYS B 56 19.34 1.36 -25.80
CA LYS B 56 20.13 2.12 -26.77
C LYS B 56 21.55 2.38 -26.30
N ALA B 57 21.69 2.67 -25.00
CA ALA B 57 23.00 2.95 -24.40
C ALA B 57 23.91 1.73 -24.44
N VAL B 58 23.34 0.57 -24.15
CA VAL B 58 24.06 -0.71 -24.22
C VAL B 58 24.48 -1.00 -25.67
N ALA B 59 23.58 -0.74 -26.61
CA ALA B 59 23.87 -0.88 -28.04
C ALA B 59 25.04 0.01 -28.48
N ARG B 60 25.04 1.25 -27.99
CA ARG B 60 26.12 2.22 -28.26
C ARG B 60 27.47 1.71 -27.76
N VAL B 61 27.47 1.12 -26.58
CA VAL B 61 28.67 0.52 -25.99
C VAL B 61 29.11 -0.71 -26.78
N ALA B 62 28.13 -1.51 -27.20
CA ALA B 62 28.39 -2.73 -27.98
C ALA B 62 28.89 -2.44 -29.39
N GLU B 63 28.38 -1.36 -30.00
CA GLU B 63 28.73 -0.95 -31.37
C GLU B 63 30.14 -0.35 -31.46
N SER B 64 30.49 0.49 -30.48
CA SER B 64 31.78 1.17 -30.46
C SER B 64 32.90 0.23 -30.00
N GLY B 65 32.69 -1.08 -30.21
CA GLY B 65 33.54 -2.12 -29.64
C GLY B 65 33.20 -2.26 -28.16
N GLY B 66 33.55 -3.43 -27.59
CA GLY B 66 33.38 -3.65 -26.14
C GLY B 66 33.90 -2.44 -25.34
N GLY B 67 35.09 -1.97 -25.75
CA GLY B 67 35.70 -0.75 -25.21
C GLY B 67 35.78 -0.76 -23.70
N ARG B 68 35.22 0.28 -23.08
CA ARG B 68 35.31 0.49 -21.64
C ARG B 68 34.14 -0.14 -20.87
N GLY B 69 33.23 -0.79 -21.60
CA GLY B 69 32.13 -1.53 -21.00
C GLY B 69 31.04 -0.69 -20.35
N ALA B 70 30.06 -1.39 -19.78
CA ALA B 70 28.96 -0.76 -19.06
C ALA B 70 28.66 -1.54 -17.79
N ILE B 71 28.17 -0.86 -16.76
CA ILE B 71 27.70 -1.55 -15.54
C ILE B 71 26.48 -0.87 -14.92
N ALA B 72 25.54 -1.70 -14.44
CA ALA B 72 24.38 -1.18 -13.71
C ALA B 72 24.80 -0.70 -12.32
N ARG B 73 24.09 0.31 -11.83
CA ARG B 73 24.22 0.77 -10.45
C ARG B 73 22.83 0.86 -9.84
N GLY B 74 22.73 0.45 -8.58
CA GLY B 74 21.48 0.55 -7.83
C GLY B 74 21.60 1.76 -6.91
N LEU B 75 21.47 1.55 -5.61
CA LEU B 75 21.55 2.66 -4.66
C LEU B 75 22.95 2.91 -4.08
N GLY B 76 23.95 2.22 -4.64
CA GLY B 76 25.36 2.40 -4.25
C GLY B 76 25.69 2.00 -2.83
N ARG B 77 24.97 1.01 -2.30
CA ARG B 77 25.20 0.54 -0.93
C ARG B 77 26.29 -0.53 -0.77
N SER B 78 26.77 -1.09 -1.87
CA SER B 78 27.96 -1.94 -1.80
C SER B 78 29.14 -1.06 -1.39
N TYR B 79 29.97 -1.55 -0.49
CA TYR B 79 31.11 -0.78 0.03
C TYR B 79 32.26 -0.66 -0.96
N GLY B 80 32.39 -1.67 -1.83
CA GLY B 80 33.52 -1.75 -2.74
C GLY B 80 33.21 -1.17 -4.11
N ASP B 81 33.83 -1.75 -5.13
CA ASP B 81 33.89 -1.12 -6.46
C ASP B 81 33.13 -1.88 -7.54
N ASN B 82 32.07 -2.61 -7.16
CA ASN B 82 31.32 -3.40 -8.14
C ASN B 82 30.31 -2.59 -8.95
N ALA B 83 29.88 -1.45 -8.41
CA ALA B 83 28.88 -0.62 -9.08
C ALA B 83 29.47 0.60 -9.79
N GLN B 84 30.74 0.52 -10.14
CA GLN B 84 31.40 1.62 -10.85
C GLN B 84 32.31 1.12 -11.98
N ASN B 85 32.55 1.97 -12.97
CA ASN B 85 33.26 1.57 -14.18
C ASN B 85 34.11 2.74 -14.71
N GLY B 86 35.29 2.91 -14.13
CA GLY B 86 36.21 4.00 -14.49
C GLY B 86 36.40 4.15 -15.99
N GLY B 87 36.06 5.33 -16.51
CA GLY B 87 36.20 5.63 -17.93
C GLY B 87 35.18 4.92 -18.83
N GLY B 88 34.18 4.29 -18.22
CA GLY B 88 33.16 3.56 -18.97
C GLY B 88 31.75 4.08 -18.70
N LEU B 89 30.75 3.28 -19.09
CA LEU B 89 29.36 3.62 -18.81
C LEU B 89 28.89 3.00 -17.49
N VAL B 90 28.16 3.81 -16.73
CA VAL B 90 27.44 3.35 -15.55
C VAL B 90 25.98 3.76 -15.72
N ILE B 91 25.07 2.79 -15.64
CA ILE B 91 23.64 3.05 -15.78
C ILE B 91 22.95 2.97 -14.41
N ASP B 92 22.56 4.14 -13.90
CA ASP B 92 21.82 4.26 -12.65
C ASP B 92 20.40 3.72 -12.87
N MET B 93 20.06 2.66 -12.16
CA MET B 93 18.80 1.94 -12.39
C MET B 93 17.64 2.43 -11.53
N THR B 94 17.94 3.29 -10.56
CA THR B 94 16.94 3.77 -9.60
C THR B 94 15.68 4.44 -10.22
N PRO B 95 15.81 5.16 -11.36
CA PRO B 95 14.61 5.72 -11.99
C PRO B 95 13.61 4.67 -12.49
N LEU B 96 14.08 3.45 -12.76
CA LEU B 96 13.21 2.37 -13.19
C LEU B 96 12.65 1.69 -11.95
N ASN B 97 11.64 2.31 -11.34
CA ASN B 97 11.13 1.90 -10.03
C ASN B 97 9.64 1.57 -9.98
N THR B 98 9.11 1.05 -11.09
CA THR B 98 7.68 0.69 -11.13
C THR B 98 7.42 -0.64 -10.46
N ILE B 99 6.45 -0.65 -9.54
CA ILE B 99 5.84 -1.89 -9.06
C ILE B 99 4.70 -2.19 -10.02
N HIS B 100 4.85 -3.26 -10.80
CA HIS B 100 3.86 -3.61 -11.81
C HIS B 100 2.65 -4.27 -11.22
N SER B 101 2.86 -5.23 -10.34
CA SER B 101 1.75 -5.94 -9.69
C SER B 101 2.17 -6.63 -8.41
N ILE B 102 1.21 -6.79 -7.51
CA ILE B 102 1.35 -7.63 -6.33
C ILE B 102 0.11 -8.49 -6.21
N ASP B 103 0.31 -9.78 -5.94
CA ASP B 103 -0.80 -10.72 -5.90
C ASP B 103 -0.73 -11.52 -4.60
N ALA B 104 -1.74 -11.35 -3.74
CA ALA B 104 -1.80 -12.02 -2.43
C ALA B 104 -1.98 -13.54 -2.56
N ASP B 105 -2.60 -13.98 -3.66
CA ASP B 105 -2.94 -15.38 -3.82
C ASP B 105 -1.75 -16.20 -4.32
N THR B 106 -1.04 -15.65 -5.29
CA THR B 106 0.17 -16.29 -5.80
C THR B 106 1.42 -15.91 -5.00
N LYS B 107 1.31 -14.83 -4.22
CA LYS B 107 2.43 -14.31 -3.43
C LYS B 107 3.53 -13.70 -4.29
N LEU B 108 3.23 -13.44 -5.56
CA LEU B 108 4.24 -12.89 -6.47
C LEU B 108 4.18 -11.36 -6.58
N VAL B 109 5.36 -10.75 -6.56
CA VAL B 109 5.51 -9.34 -6.92
C VAL B 109 6.27 -9.26 -8.25
N ASP B 110 5.82 -8.37 -9.12
CA ASP B 110 6.43 -8.14 -10.43
C ASP B 110 6.89 -6.70 -10.38
N ILE B 111 8.20 -6.48 -10.36
CA ILE B 111 8.74 -5.14 -10.14
C ILE B 111 9.96 -4.86 -11.01
N ASP B 112 10.14 -3.58 -11.36
CA ASP B 112 11.34 -3.10 -12.03
C ASP B 112 12.54 -3.25 -11.12
N ALA B 113 13.72 -3.47 -11.71
CA ALA B 113 14.93 -3.74 -10.91
C ALA B 113 15.38 -2.58 -10.02
N GLY B 114 14.90 -1.37 -10.33
CA GLY B 114 15.27 -0.20 -9.56
C GLY B 114 14.42 0.02 -8.32
N VAL B 115 13.35 -0.77 -8.16
CA VAL B 115 12.55 -0.73 -6.92
C VAL B 115 13.45 -1.07 -5.73
N ASN B 116 13.32 -0.34 -4.63
CA ASN B 116 14.10 -0.63 -3.44
C ASN B 116 13.29 -1.44 -2.44
N LEU B 117 13.97 -2.07 -1.48
CA LEU B 117 13.30 -3.02 -0.59
C LEU B 117 12.40 -2.36 0.44
N ASP B 118 12.70 -1.12 0.80
CA ASP B 118 11.82 -0.32 1.66
C ASP B 118 10.51 0.00 0.93
N GLN B 119 10.63 0.46 -0.32
CA GLN B 119 9.48 0.69 -1.20
C GLN B 119 8.65 -0.59 -1.31
N LEU B 120 9.31 -1.70 -1.60
CA LEU B 120 8.64 -3.00 -1.77
C LEU B 120 7.96 -3.47 -0.49
N MET B 121 8.66 -3.37 0.64
CA MET B 121 8.10 -3.76 1.94
C MET B 121 6.79 -3.01 2.23
N LYS B 122 6.82 -1.68 2.08
CA LYS B 122 5.63 -0.83 2.26
C LYS B 122 4.47 -1.26 1.35
N ALA B 123 4.78 -1.50 0.08
CA ALA B 123 3.74 -1.80 -0.89
C ALA B 123 3.11 -3.17 -0.67
N ALA B 124 3.92 -4.12 -0.20
CA ALA B 124 3.48 -5.52 -0.14
C ALA B 124 2.77 -5.85 1.17
N LEU B 125 3.04 -5.07 2.21
CA LEU B 125 2.44 -5.36 3.52
C LEU B 125 0.90 -5.49 3.53
N PRO B 126 0.16 -4.59 2.83
CA PRO B 126 -1.32 -4.68 2.82
C PRO B 126 -1.87 -5.97 2.20
N PHE B 127 -1.01 -6.70 1.49
CA PHE B 127 -1.38 -7.94 0.85
C PHE B 127 -1.05 -9.14 1.73
N GLY B 128 -0.55 -8.87 2.94
CA GLY B 128 -0.11 -9.93 3.83
C GLY B 128 1.16 -10.64 3.36
N LEU B 129 2.07 -9.87 2.77
CA LEU B 129 3.30 -10.38 2.18
C LEU B 129 4.52 -9.65 2.73
N TRP B 130 5.62 -10.40 2.86
CA TRP B 130 6.84 -9.94 3.52
C TRP B 130 8.02 -10.22 2.64
N VAL B 131 8.90 -9.22 2.48
CA VAL B 131 10.13 -9.38 1.71
C VAL B 131 10.92 -10.55 2.29
N PRO B 132 11.19 -11.59 1.47
CA PRO B 132 11.70 -12.85 2.01
C PRO B 132 13.12 -12.81 2.57
N VAL B 133 13.92 -11.83 2.13
CA VAL B 133 15.28 -11.64 2.66
C VAL B 133 15.51 -10.14 2.70
N LEU B 134 15.76 -9.63 3.91
CA LEU B 134 16.09 -8.24 4.13
C LEU B 134 17.49 -8.09 4.70
N PRO B 135 18.30 -7.19 4.13
CA PRO B 135 19.63 -6.98 4.68
C PRO B 135 19.57 -5.96 5.83
N GLY B 136 20.73 -5.58 6.36
CA GLY B 136 20.81 -4.61 7.48
C GLY B 136 20.40 -3.18 7.15
N THR B 137 20.11 -2.90 5.88
CA THR B 137 19.54 -1.62 5.44
C THR B 137 18.48 -1.89 4.37
N ARG B 138 17.37 -1.16 4.41
CA ARG B 138 16.32 -1.34 3.41
C ARG B 138 16.54 -0.49 2.16
N GLN B 139 17.55 0.38 2.21
CA GLN B 139 17.93 1.18 1.05
C GLN B 139 18.82 0.40 0.07
N VAL B 140 18.27 -0.66 -0.51
CA VAL B 140 18.92 -1.41 -1.58
C VAL B 140 17.90 -1.75 -2.67
N THR B 141 18.35 -1.75 -3.92
CA THR B 141 17.47 -2.03 -5.06
C THR B 141 17.31 -3.53 -5.24
N VAL B 142 16.25 -3.94 -5.92
CA VAL B 142 16.03 -5.34 -6.29
C VAL B 142 17.20 -5.87 -7.14
N GLY B 143 17.65 -5.07 -8.10
CA GLY B 143 18.78 -5.42 -8.95
C GLY B 143 20.04 -5.66 -8.15
N GLY B 144 20.31 -4.76 -7.20
CA GLY B 144 21.44 -4.87 -6.28
C GLY B 144 21.33 -6.08 -5.37
N ALA B 145 20.11 -6.37 -4.94
CA ALA B 145 19.81 -7.50 -4.07
C ALA B 145 20.08 -8.84 -4.78
N ILE B 146 19.75 -8.92 -6.06
CA ILE B 146 19.99 -10.12 -6.86
C ILE B 146 21.47 -10.24 -7.24
N ALA B 147 22.05 -9.13 -7.70
CA ALA B 147 23.44 -9.13 -8.18
C ALA B 147 24.45 -9.44 -7.09
N CYS B 148 24.13 -9.09 -5.84
CA CYS B 148 24.98 -9.47 -4.73
C CYS B 148 24.47 -10.69 -3.96
N ASP B 149 23.34 -11.26 -4.41
CA ASP B 149 22.67 -12.39 -3.76
C ASP B 149 22.63 -12.18 -2.24
N ILE B 150 22.00 -11.08 -1.84
CA ILE B 150 22.12 -10.60 -0.45
C ILE B 150 21.52 -11.58 0.58
N HIS B 151 22.06 -11.54 1.79
CA HIS B 151 21.59 -12.39 2.89
C HIS B 151 21.09 -11.54 4.02
N GLY B 152 20.43 -12.17 4.98
CA GLY B 152 19.92 -11.45 6.13
C GLY B 152 19.91 -12.31 7.37
N LYS B 153 19.22 -11.81 8.40
CA LYS B 153 19.11 -12.44 9.71
C LYS B 153 18.43 -13.81 9.63
N ASN B 154 17.70 -14.05 8.54
CA ASN B 154 16.96 -15.31 8.36
C ASN B 154 17.62 -16.28 7.36
N HIS B 155 18.90 -16.07 7.05
CA HIS B 155 19.58 -16.93 6.07
C HIS B 155 19.48 -18.41 6.36
N HIS B 156 19.65 -18.80 7.61
CA HIS B 156 19.62 -20.21 7.99
C HIS B 156 18.27 -20.86 7.77
N SER B 157 17.22 -20.04 7.67
CA SER B 157 15.88 -20.57 7.43
C SER B 157 15.33 -20.26 6.03
N ALA B 158 15.83 -19.21 5.39
CA ALA B 158 15.24 -18.76 4.12
C ALA B 158 16.22 -18.72 2.96
N GLY B 159 17.49 -18.96 3.24
CA GLY B 159 18.52 -18.80 2.22
C GLY B 159 18.76 -17.34 1.90
N SER B 160 19.35 -17.08 0.73
CA SER B 160 19.64 -15.71 0.29
C SER B 160 18.61 -15.21 -0.72
N PHE B 161 18.76 -13.96 -1.17
CA PHE B 161 17.76 -13.30 -1.99
C PHE B 161 17.46 -14.09 -3.27
N GLY B 162 18.50 -14.62 -3.90
CA GLY B 162 18.37 -15.37 -5.15
C GLY B 162 17.44 -16.57 -5.07
N ASN B 163 17.36 -17.17 -3.88
CA ASN B 163 16.47 -18.32 -3.65
C ASN B 163 15.00 -18.01 -3.91
N HIS B 164 14.65 -16.72 -3.91
CA HIS B 164 13.25 -16.27 -3.94
C HIS B 164 12.83 -15.65 -5.24
N VAL B 165 13.77 -15.53 -6.17
CA VAL B 165 13.51 -14.93 -7.47
C VAL B 165 12.92 -15.99 -8.38
N ARG B 166 11.75 -15.71 -8.97
CA ARG B 166 11.06 -16.70 -9.79
C ARG B 166 11.28 -16.45 -11.27
N SER B 167 11.60 -15.21 -11.60
CA SER B 167 12.03 -14.87 -12.95
C SER B 167 12.71 -13.52 -12.93
N MET B 168 13.53 -13.27 -13.95
CA MET B 168 14.05 -11.94 -14.23
C MET B 168 14.29 -11.75 -15.72
N ASP B 169 14.14 -10.51 -16.17
CA ASP B 169 14.43 -10.15 -17.55
C ASP B 169 15.77 -9.46 -17.57
N LEU B 170 16.72 -10.07 -18.29
CA LEU B 170 18.09 -9.59 -18.36
C LEU B 170 18.39 -9.03 -19.74
N LEU B 171 18.74 -7.76 -19.79
CA LEU B 171 19.21 -7.16 -21.04
C LEU B 171 20.65 -7.62 -21.26
N THR B 172 20.86 -8.36 -22.34
CA THR B 172 22.21 -8.90 -22.62
C THR B 172 23.01 -8.06 -23.61
N ALA B 173 24.26 -8.47 -23.83
CA ALA B 173 25.23 -7.76 -24.66
C ALA B 173 24.73 -7.41 -26.07
N ASP B 174 23.99 -8.32 -26.69
CA ASP B 174 23.48 -8.11 -28.05
C ASP B 174 22.09 -7.45 -28.12
N GLY B 175 21.63 -6.89 -27.01
CA GLY B 175 20.35 -6.18 -26.95
C GLY B 175 19.14 -7.09 -26.74
N GLU B 176 19.37 -8.39 -26.69
CA GLU B 176 18.31 -9.37 -26.45
C GLU B 176 17.91 -9.34 -24.96
N ILE B 177 16.60 -9.39 -24.71
CA ILE B 177 16.09 -9.57 -23.35
C ILE B 177 15.78 -11.06 -23.17
N ARG B 178 16.52 -11.69 -22.28
CA ARG B 178 16.31 -13.10 -21.99
C ARG B 178 15.49 -13.26 -20.72
N HIS B 179 14.46 -14.10 -20.81
CA HIS B 179 13.61 -14.38 -19.66
C HIS B 179 14.22 -15.53 -18.90
N LEU B 180 14.85 -15.18 -17.78
CA LEU B 180 15.57 -16.16 -16.97
C LEU B 180 14.68 -16.68 -15.87
N THR B 181 14.70 -18.00 -15.67
CA THR B 181 14.02 -18.65 -14.57
C THR B 181 15.00 -19.63 -13.93
N PRO B 182 14.85 -19.91 -12.62
CA PRO B 182 15.76 -20.79 -11.88
C PRO B 182 15.82 -22.24 -12.35
N THR B 183 14.74 -22.76 -12.93
CA THR B 183 14.70 -24.16 -13.38
C THR B 183 14.38 -24.31 -14.87
N GLY B 184 14.30 -23.20 -15.59
CA GLY B 184 13.97 -23.24 -17.01
C GLY B 184 15.15 -23.60 -17.90
N GLU B 185 14.97 -23.40 -19.20
CA GLU B 185 16.02 -23.69 -20.18
C GLU B 185 17.23 -22.76 -20.01
N ASP B 186 17.00 -21.61 -19.37
CA ASP B 186 18.07 -20.64 -19.13
C ASP B 186 18.52 -20.61 -17.66
N ALA B 187 18.37 -21.73 -16.97
CA ALA B 187 18.72 -21.86 -15.55
C ALA B 187 20.17 -21.50 -15.26
N GLU B 188 21.06 -21.95 -16.13
CA GLU B 188 22.49 -21.68 -16.01
C GLU B 188 22.81 -20.18 -16.01
N LEU B 189 22.21 -19.45 -16.95
CA LEU B 189 22.40 -17.99 -16.98
C LEU B 189 21.69 -17.29 -15.81
N PHE B 190 20.53 -17.79 -15.40
CA PHE B 190 19.83 -17.29 -14.21
C PHE B 190 20.77 -17.30 -13.00
N TRP B 191 21.35 -18.47 -12.74
CA TRP B 191 22.21 -18.67 -11.57
C TRP B 191 23.56 -18.01 -11.65
N ALA B 192 24.03 -17.69 -12.85
CA ALA B 192 25.23 -16.85 -13.01
C ALA B 192 24.93 -15.38 -12.74
N THR B 193 23.67 -14.99 -12.93
CA THR B 193 23.26 -13.62 -12.74
C THR B 193 23.03 -13.35 -11.26
N VAL B 194 22.47 -14.33 -10.56
CA VAL B 194 22.40 -14.29 -9.08
C VAL B 194 23.83 -14.24 -8.55
N GLY B 195 24.17 -13.18 -7.81
CA GLY B 195 25.52 -13.02 -7.30
C GLY B 195 26.54 -12.66 -8.37
N GLY B 196 26.08 -12.34 -9.58
CA GLY B 196 26.97 -12.03 -10.68
C GLY B 196 27.51 -10.61 -10.75
N ASN B 197 27.19 -9.80 -9.75
CA ASN B 197 27.64 -8.40 -9.67
C ASN B 197 27.43 -7.58 -10.95
N GLY B 198 26.30 -7.82 -11.62
CA GLY B 198 25.91 -7.07 -12.82
C GLY B 198 26.70 -7.41 -14.07
N LEU B 199 27.45 -8.51 -14.03
CA LEU B 199 28.41 -8.79 -15.09
C LEU B 199 27.88 -9.68 -16.21
N THR B 200 26.61 -10.06 -16.11
CA THR B 200 25.96 -10.82 -17.18
C THR B 200 25.04 -9.92 -18.00
N GLY B 201 24.84 -8.70 -17.52
CA GLY B 201 23.95 -7.74 -18.16
C GLY B 201 23.14 -6.94 -17.15
N ILE B 202 22.12 -6.23 -17.66
CA ILE B 202 21.26 -5.40 -16.83
C ILE B 202 19.96 -6.12 -16.53
N ILE B 203 19.71 -6.37 -15.24
CA ILE B 203 18.43 -6.91 -14.79
C ILE B 203 17.45 -5.76 -14.90
N MET B 204 16.38 -5.96 -15.67
CA MET B 204 15.43 -4.89 -15.93
C MET B 204 14.20 -5.00 -15.03
N ARG B 205 13.86 -6.24 -14.68
CA ARG B 205 12.58 -6.55 -14.06
C ARG B 205 12.68 -7.94 -13.46
N ALA B 206 11.95 -8.18 -12.37
CA ALA B 206 11.97 -9.48 -11.73
C ALA B 206 10.63 -9.83 -11.12
N THR B 207 10.40 -11.13 -10.94
CA THR B 207 9.29 -11.60 -10.12
C THR B 207 9.87 -12.30 -8.89
N ILE B 208 9.43 -11.87 -7.72
CA ILE B 208 9.86 -12.44 -6.44
C ILE B 208 8.68 -13.12 -5.76
N GLU B 209 8.91 -14.32 -5.21
CA GLU B 209 7.91 -14.95 -4.38
C GLU B 209 8.12 -14.46 -2.95
N MET B 210 7.09 -13.80 -2.42
CA MET B 210 7.13 -13.21 -1.09
C MET B 210 6.77 -14.23 -0.03
N THR B 211 7.09 -13.90 1.23
CA THR B 211 6.74 -14.74 2.37
C THR B 211 5.41 -14.27 2.96
N PRO B 212 4.46 -15.20 3.17
CA PRO B 212 3.19 -14.74 3.72
C PRO B 212 3.32 -14.41 5.21
N THR B 213 2.57 -13.41 5.65
CA THR B 213 2.59 -12.98 7.04
C THR B 213 1.25 -12.36 7.35
N SER B 214 0.82 -12.51 8.60
CA SER B 214 -0.40 -11.87 9.07
C SER B 214 -0.11 -10.59 9.86
N THR B 215 1.16 -10.32 10.16
CA THR B 215 1.57 -9.09 10.84
C THR B 215 2.88 -8.50 10.34
N ALA B 216 3.11 -7.22 10.67
CA ALA B 216 4.40 -6.59 10.43
C ALA B 216 5.29 -6.62 11.66
N TYR B 217 5.01 -7.52 12.60
CA TYR B 217 5.70 -7.55 13.89
C TYR B 217 6.47 -8.85 14.12
N PHE B 218 7.47 -8.78 14.99
CA PHE B 218 8.25 -9.92 15.39
C PHE B 218 8.00 -10.25 16.85
N ILE B 219 8.09 -11.55 17.17
CA ILE B 219 8.21 -12.01 18.54
C ILE B 219 9.68 -12.34 18.74
N ALA B 220 10.32 -11.68 19.69
CA ALA B 220 11.76 -11.74 19.89
C ALA B 220 12.20 -12.32 21.24
N ASP B 221 13.22 -13.18 21.19
CA ASP B 221 13.91 -13.68 22.36
C ASP B 221 15.34 -13.17 22.32
N GLY B 222 15.83 -12.66 23.44
CA GLY B 222 17.20 -12.16 23.54
C GLY B 222 18.04 -12.95 24.52
N ASP B 223 19.31 -13.15 24.18
CA ASP B 223 20.23 -13.90 25.03
C ASP B 223 21.60 -13.25 25.06
N VAL B 224 22.35 -13.54 26.12
CA VAL B 224 23.73 -13.13 26.22
C VAL B 224 24.62 -14.33 26.59
N THR B 225 25.88 -14.25 26.19
CA THR B 225 26.87 -15.26 26.51
C THR B 225 28.08 -14.55 27.11
N ALA B 226 28.99 -15.31 27.73
CA ALA B 226 30.13 -14.73 28.45
C ALA B 226 31.47 -15.00 27.77
N SER B 227 31.45 -15.77 26.68
CA SER B 227 32.67 -16.18 26.00
C SER B 227 32.38 -16.60 24.57
N LEU B 228 33.42 -16.63 23.73
CA LEU B 228 33.31 -17.17 22.38
C LEU B 228 32.82 -18.61 22.36
N ASP B 229 33.37 -19.44 23.24
CA ASP B 229 32.94 -20.85 23.38
C ASP B 229 31.44 -20.97 23.61
N GLU B 230 30.92 -20.11 24.50
CA GLU B 230 29.50 -20.09 24.80
C GLU B 230 28.67 -19.58 23.61
N THR B 231 29.17 -18.56 22.92
CA THR B 231 28.50 -18.06 21.70
C THR B 231 28.37 -19.20 20.67
N ILE B 232 29.48 -19.88 20.38
CA ILE B 232 29.48 -21.05 19.49
C ILE B 232 28.52 -22.14 19.99
N ALA B 233 28.56 -22.44 21.29
CA ALA B 233 27.67 -23.45 21.88
C ALA B 233 26.19 -23.15 21.64
N LEU B 234 25.80 -21.89 21.85
CA LEU B 234 24.40 -21.48 21.68
C LEU B 234 23.92 -21.68 20.24
N HIS B 235 24.80 -21.46 19.28
CA HIS B 235 24.45 -21.62 17.86
C HIS B 235 24.54 -23.05 17.39
N SER B 236 25.06 -23.92 18.25
CA SER B 236 25.26 -25.34 17.90
C SER B 236 24.35 -26.31 18.67
N ASP B 237 23.53 -25.80 19.57
CA ASP B 237 22.74 -26.65 20.46
C ASP B 237 21.35 -27.04 19.92
N GLY B 238 21.04 -26.62 18.68
CA GLY B 238 19.76 -26.92 18.06
C GLY B 238 18.71 -25.83 18.24
N SER B 239 19.01 -24.81 19.03
CA SER B 239 18.08 -23.70 19.24
C SER B 239 17.84 -22.84 17.99
N GLU B 240 18.80 -22.81 17.06
CA GLU B 240 18.64 -22.01 15.83
C GLU B 240 17.43 -22.46 15.01
N ALA B 241 17.15 -23.76 15.01
CA ALA B 241 15.98 -24.34 14.33
C ALA B 241 14.62 -23.83 14.84
N ARG B 242 14.61 -23.25 16.04
CA ARG B 242 13.38 -22.71 16.62
C ARG B 242 13.09 -21.27 16.20
N TYR B 243 14.04 -20.65 15.50
CA TYR B 243 13.91 -19.26 15.11
C TYR B 243 14.15 -19.08 13.62
N THR B 244 13.29 -18.33 12.96
CA THR B 244 13.50 -18.00 11.56
C THR B 244 14.56 -16.91 11.39
N TYR B 245 14.64 -16.00 12.35
CA TYR B 245 15.61 -14.90 12.31
C TYR B 245 16.57 -14.98 13.50
N SER B 246 17.86 -14.81 13.23
CA SER B 246 18.89 -14.88 14.27
C SER B 246 20.15 -14.10 13.90
N SER B 247 20.59 -13.21 14.78
CA SER B 247 21.90 -12.59 14.63
C SER B 247 22.46 -12.13 15.97
N ALA B 248 23.74 -11.77 15.98
CA ALA B 248 24.40 -11.39 17.21
C ALA B 248 25.40 -10.26 17.04
N TRP B 249 25.59 -9.49 18.11
CA TRP B 249 26.74 -8.61 18.22
C TRP B 249 27.70 -9.31 19.11
N PHE B 250 28.98 -9.27 18.77
CA PHE B 250 29.97 -9.90 19.64
C PHE B 250 31.07 -8.93 20.07
N ASP B 251 31.78 -9.30 21.14
CA ASP B 251 32.88 -8.53 21.68
C ASP B 251 34.18 -8.98 21.02
N ALA B 252 34.76 -8.09 20.22
CA ALA B 252 35.99 -8.37 19.47
C ALA B 252 37.20 -7.64 20.06
N ILE B 253 37.03 -7.09 21.26
CA ILE B 253 38.03 -6.22 21.88
C ILE B 253 38.59 -6.79 23.19
N SER B 254 37.72 -7.34 24.03
CA SER B 254 38.14 -7.90 25.31
C SER B 254 39.02 -9.12 25.12
N ALA B 255 39.97 -9.31 26.03
CA ALA B 255 40.84 -10.49 26.01
C ALA B 255 40.02 -11.74 26.32
N PRO B 256 40.44 -12.90 25.78
CA PRO B 256 39.85 -14.17 26.20
C PRO B 256 39.97 -14.36 27.73
N PRO B 257 38.97 -14.98 28.36
CA PRO B 257 37.81 -15.69 27.79
C PRO B 257 36.60 -14.83 27.46
N LYS B 258 36.67 -13.52 27.69
CA LYS B 258 35.54 -12.61 27.41
C LYS B 258 35.36 -12.36 25.91
N LEU B 259 36.46 -12.42 25.16
CA LEU B 259 36.41 -12.28 23.71
C LEU B 259 35.35 -13.21 23.14
N GLY B 260 34.52 -12.69 22.25
CA GLY B 260 33.52 -13.51 21.59
C GLY B 260 32.22 -13.68 22.35
N ARG B 261 32.12 -13.08 23.54
CA ARG B 261 30.83 -12.99 24.21
C ARG B 261 29.90 -12.17 23.33
N ALA B 262 28.61 -12.46 23.42
CA ALA B 262 27.65 -11.92 22.46
C ALA B 262 26.30 -11.56 23.05
N ALA B 263 25.65 -10.59 22.41
CA ALA B 263 24.23 -10.33 22.60
C ALA B 263 23.54 -10.89 21.35
N VAL B 264 22.62 -11.83 21.58
CA VAL B 264 21.99 -12.57 20.50
C VAL B 264 20.51 -12.18 20.41
N SER B 265 20.07 -11.82 19.22
CA SER B 265 18.67 -11.45 19.00
C SER B 265 18.04 -12.47 18.05
N ARG B 266 17.03 -13.19 18.52
CA ARG B 266 16.37 -14.21 17.70
C ARG B 266 14.85 -14.08 17.75
N GLY B 267 14.18 -14.49 16.69
CA GLY B 267 12.73 -14.39 16.67
C GLY B 267 12.08 -14.89 15.41
N ARG B 268 10.79 -14.55 15.27
CA ARG B 268 9.99 -14.92 14.12
C ARG B 268 8.88 -13.90 13.95
N LEU B 269 8.28 -13.86 12.76
CA LEU B 269 7.15 -12.99 12.52
C LEU B 269 6.00 -13.37 13.45
N ALA B 270 5.37 -12.36 14.04
CA ALA B 270 4.23 -12.57 14.93
C ALA B 270 2.98 -12.94 14.14
N THR B 271 2.06 -13.65 14.79
CA THR B 271 0.71 -13.87 14.26
C THR B 271 -0.22 -12.87 14.94
N VAL B 272 -1.37 -12.58 14.31
CA VAL B 272 -2.28 -11.55 14.86
C VAL B 272 -2.70 -11.80 16.31
N GLU B 273 -2.88 -13.08 16.66
CA GLU B 273 -3.29 -13.47 18.00
C GLU B 273 -2.22 -13.25 19.09
N GLN B 274 -1.02 -12.86 18.68
CA GLN B 274 0.07 -12.58 19.62
C GLN B 274 0.23 -11.08 19.88
N LEU B 275 -0.55 -10.28 19.15
CA LEU B 275 -0.54 -8.84 19.27
C LEU B 275 -1.58 -8.41 20.29
N PRO B 276 -1.30 -7.35 21.06
CA PRO B 276 -2.35 -6.70 21.85
C PRO B 276 -3.41 -6.06 20.93
N ALA B 277 -4.64 -5.98 21.41
CA ALA B 277 -5.81 -5.58 20.62
C ALA B 277 -5.62 -4.25 19.86
N LYS B 278 -4.76 -3.38 20.39
CA LYS B 278 -4.50 -2.09 19.77
C LYS B 278 -3.75 -2.22 18.43
N LEU B 279 -3.02 -3.32 18.28
CA LEU B 279 -2.32 -3.64 17.04
C LEU B 279 -3.11 -4.57 16.12
N ARG B 280 -4.04 -5.33 16.72
CA ARG B 280 -4.91 -6.23 15.96
C ARG B 280 -5.80 -5.46 14.97
N SER B 281 -6.01 -4.18 15.26
CA SER B 281 -6.77 -3.28 14.40
C SER B 281 -6.11 -3.13 13.03
N GLU B 282 -4.79 -2.97 13.03
CA GLU B 282 -4.01 -2.88 11.79
C GLU B 282 -2.70 -3.67 11.94
N PRO B 283 -2.79 -5.02 11.89
CA PRO B 283 -1.63 -5.87 12.19
C PRO B 283 -0.46 -5.74 11.21
N LEU B 284 -0.74 -5.20 10.02
CA LEU B 284 0.24 -5.15 8.94
C LEU B 284 0.84 -3.75 8.75
N LYS B 285 0.53 -2.84 9.67
CA LYS B 285 0.98 -1.45 9.58
C LYS B 285 2.50 -1.32 9.40
N PHE B 286 2.90 -0.53 8.40
CA PHE B 286 4.32 -0.36 8.05
C PHE B 286 5.06 0.45 9.10
N ASP B 287 6.28 0.01 9.41
CA ASP B 287 7.14 0.74 10.34
C ASP B 287 7.94 1.82 9.60
N ALA B 288 7.47 3.06 9.71
CA ALA B 288 8.03 4.20 8.98
C ALA B 288 9.36 4.69 9.58
N PRO B 310 32.08 -13.41 39.26
CA PRO B 310 31.50 -12.22 39.98
C PRO B 310 29.97 -12.25 40.11
N ILE B 311 29.46 -11.44 41.03
CA ILE B 311 28.03 -11.16 41.16
C ILE B 311 27.50 -10.42 39.93
N GLY B 312 28.37 -9.60 39.32
CA GLY B 312 28.04 -8.88 38.09
C GLY B 312 27.67 -9.81 36.93
N GLU B 313 28.35 -10.95 36.85
CA GLU B 313 28.09 -11.96 35.83
C GLU B 313 26.62 -12.41 35.78
N LEU B 314 26.06 -12.72 36.95
CA LEU B 314 24.66 -13.12 37.09
C LEU B 314 23.68 -12.02 36.64
N TRP B 315 23.99 -10.78 37.01
CA TRP B 315 23.17 -9.66 36.60
C TRP B 315 23.21 -9.50 35.11
N TYR B 316 24.41 -9.59 34.54
CA TYR B 316 24.65 -9.50 33.10
C TYR B 316 23.72 -10.42 32.31
N ARG B 317 23.61 -11.68 32.77
CA ARG B 317 22.73 -12.66 32.12
C ARG B 317 21.27 -12.27 32.24
N LYS B 318 20.82 -12.02 33.47
CA LYS B 318 19.46 -11.59 33.76
C LYS B 318 19.06 -10.37 32.93
N SER B 319 19.93 -9.36 32.92
CA SER B 319 19.68 -8.09 32.22
C SER B 319 19.54 -8.23 30.70
N GLY B 320 20.29 -9.15 30.10
CA GLY B 320 20.31 -9.29 28.65
C GLY B 320 19.53 -10.48 28.13
N THR B 321 18.72 -11.10 29.00
CA THR B 321 17.86 -12.22 28.62
C THR B 321 16.39 -11.76 28.62
N TYR B 322 15.71 -11.97 27.50
CA TYR B 322 14.27 -11.71 27.42
C TYR B 322 13.54 -12.72 26.55
N ARG B 323 12.25 -12.93 26.83
CA ARG B 323 11.43 -13.87 26.05
C ARG B 323 10.12 -13.24 25.58
N GLY B 324 9.76 -13.53 24.33
CA GLY B 324 8.47 -13.16 23.78
C GLY B 324 8.18 -11.68 23.61
N LYS B 325 9.24 -10.89 23.41
CA LYS B 325 9.09 -9.45 23.22
C LYS B 325 8.51 -9.11 21.84
N VAL B 326 7.44 -8.33 21.83
CA VAL B 326 6.82 -7.89 20.58
C VAL B 326 7.59 -6.68 20.07
N GLN B 327 8.12 -6.79 18.85
CA GLN B 327 8.95 -5.73 18.27
C GLN B 327 8.57 -5.45 16.82
N ASN B 328 8.64 -4.18 16.41
CA ASN B 328 8.47 -3.83 15.01
C ASN B 328 9.79 -4.05 14.27
N LEU B 329 9.82 -3.74 12.96
CA LEU B 329 11.04 -4.00 12.19
C LEU B 329 12.23 -3.15 12.63
N THR B 330 11.97 -1.90 13.01
CA THR B 330 13.02 -1.03 13.54
C THR B 330 13.62 -1.62 14.83
N GLN B 331 12.77 -1.98 15.78
CA GLN B 331 13.23 -2.50 17.07
C GLN B 331 13.99 -3.81 16.92
N PHE B 332 13.43 -4.72 16.11
CA PHE B 332 14.01 -6.05 15.93
C PHE B 332 15.22 -6.08 15.02
N TYR B 333 15.17 -5.31 13.93
CA TYR B 333 16.06 -5.53 12.79
C TYR B 333 17.03 -4.38 12.57
N HIS B 334 16.62 -3.17 12.94
CA HIS B 334 17.48 -2.00 12.77
C HIS B 334 17.70 -1.21 14.05
N PRO B 335 18.16 -1.91 15.13
CA PRO B 335 18.29 -1.20 16.42
C PRO B 335 19.52 -0.28 16.47
N GLY B 350 36.25 7.00 7.87
CA GLY B 350 37.53 6.40 8.24
C GLY B 350 37.37 4.99 8.78
N PHE B 351 36.63 4.15 8.04
CA PHE B 351 36.40 2.77 8.45
C PHE B 351 36.55 1.78 7.29
N LEU B 352 37.15 0.63 7.59
CA LEU B 352 37.20 -0.47 6.65
C LEU B 352 36.27 -1.55 7.16
N GLN B 353 35.26 -1.87 6.36
CA GLN B 353 34.31 -2.92 6.65
C GLN B 353 34.83 -4.24 6.11
N TYR B 354 34.86 -5.26 6.97
CA TYR B 354 35.43 -6.55 6.59
C TYR B 354 34.45 -7.66 6.94
N GLN B 355 34.03 -8.44 5.95
CA GLN B 355 33.10 -9.56 6.17
C GLN B 355 33.62 -10.86 5.57
N PHE B 356 33.51 -11.93 6.35
CA PHE B 356 33.94 -13.25 5.91
C PHE B 356 33.09 -14.35 6.53
N VAL B 357 33.10 -15.52 5.89
CA VAL B 357 32.45 -16.70 6.43
C VAL B 357 33.45 -17.85 6.47
N ILE B 358 33.44 -18.59 7.59
CA ILE B 358 34.31 -19.77 7.80
C ILE B 358 33.37 -20.97 7.85
N PRO B 359 33.69 -22.04 7.09
CA PRO B 359 32.83 -23.23 7.07
C PRO B 359 32.54 -23.77 8.47
N THR B 360 31.31 -24.27 8.65
CA THR B 360 30.85 -24.70 9.98
C THR B 360 31.84 -25.64 10.66
N GLU B 361 32.34 -26.62 9.91
CA GLU B 361 33.26 -27.65 10.44
C GLU B 361 34.54 -27.08 11.01
N ALA B 362 34.98 -25.94 10.46
CA ALA B 362 36.26 -25.36 10.83
C ALA B 362 36.14 -24.44 12.05
N VAL B 363 35.47 -24.93 13.09
CA VAL B 363 35.19 -24.10 14.27
C VAL B 363 36.45 -23.67 15.04
N ASP B 364 37.42 -24.57 15.18
CA ASP B 364 38.71 -24.23 15.82
C ASP B 364 39.42 -23.10 15.09
N GLU B 365 39.44 -23.19 13.76
CA GLU B 365 40.07 -22.18 12.92
C GLU B 365 39.34 -20.84 13.04
N PHE B 366 38.01 -20.90 13.14
CA PHE B 366 37.19 -19.72 13.34
C PHE B 366 37.56 -19.01 14.66
N LYS B 367 37.61 -19.79 15.73
CA LYS B 367 38.06 -19.27 17.03
C LYS B 367 39.43 -18.59 16.95
N LYS B 368 40.36 -19.22 16.22
CA LYS B 368 41.69 -18.67 16.04
C LYS B 368 41.68 -17.30 15.37
N ILE B 369 40.88 -17.15 14.30
CA ILE B 369 40.84 -15.86 13.58
C ILE B 369 40.25 -14.72 14.44
N ILE B 370 39.25 -15.05 15.26
CA ILE B 370 38.66 -14.09 16.19
C ILE B 370 39.74 -13.65 17.20
N GLY B 371 40.51 -14.61 17.70
CA GLY B 371 41.65 -14.35 18.58
C GLY B 371 42.68 -13.42 17.96
N VAL B 372 42.99 -13.67 16.68
CA VAL B 372 43.92 -12.85 15.91
C VAL B 372 43.42 -11.40 15.82
N ILE B 373 42.13 -11.23 15.50
CA ILE B 373 41.53 -9.91 15.43
C ILE B 373 41.72 -9.13 16.73
N GLN B 374 41.37 -9.74 17.87
CA GLN B 374 41.43 -9.00 19.13
C GLN B 374 42.88 -8.69 19.58
N ALA B 375 43.80 -9.58 19.27
CA ALA B 375 45.21 -9.39 19.66
C ALA B 375 45.95 -8.42 18.75
N SER B 376 45.32 -8.02 17.65
CA SER B 376 45.99 -7.21 16.61
C SER B 376 46.18 -5.75 16.99
N GLY B 377 45.38 -5.26 17.94
CA GLY B 377 45.37 -3.84 18.27
C GLY B 377 44.40 -3.03 17.42
N HIS B 378 43.80 -3.68 16.41
CA HIS B 378 42.77 -3.04 15.60
C HIS B 378 41.42 -3.35 16.20
N TYR B 379 40.79 -2.35 16.81
CA TYR B 379 39.57 -2.55 17.59
C TYR B 379 38.30 -2.28 16.77
N SER B 380 37.40 -3.26 16.78
CA SER B 380 36.12 -3.13 16.09
C SER B 380 34.98 -3.21 17.10
N PHE B 381 34.09 -2.22 17.07
CA PHE B 381 32.96 -2.16 18.01
C PHE B 381 31.67 -2.68 17.39
N LEU B 382 31.47 -2.40 16.09
CA LEU B 382 30.29 -2.84 15.36
C LEU B 382 30.54 -4.21 14.74
N ASN B 383 30.15 -5.26 15.47
CA ASN B 383 30.49 -6.64 15.12
C ASN B 383 29.28 -7.54 14.93
N VAL B 384 29.09 -8.05 13.72
CA VAL B 384 27.95 -8.92 13.40
C VAL B 384 28.43 -10.38 13.37
N PHE B 385 27.64 -11.25 14.00
CA PHE B 385 27.90 -12.68 14.08
C PHE B 385 26.61 -13.37 13.66
N LYS B 386 26.72 -14.36 12.78
CA LYS B 386 25.56 -15.14 12.35
C LYS B 386 25.99 -16.50 11.81
N LEU B 387 25.22 -17.54 12.09
CA LEU B 387 25.48 -18.85 11.49
C LEU B 387 24.59 -19.02 10.26
N PHE B 388 25.24 -19.05 9.08
CA PHE B 388 24.56 -19.24 7.80
C PHE B 388 24.05 -20.66 7.64
N GLY B 389 22.97 -20.82 6.88
CA GLY B 389 22.49 -22.15 6.53
C GLY B 389 23.02 -22.60 5.17
N PRO B 390 22.34 -23.58 4.56
CA PRO B 390 22.76 -24.13 3.27
C PRO B 390 22.93 -23.10 2.16
N ARG B 391 23.87 -23.43 1.27
CA ARG B 391 24.16 -22.56 0.15
CA ARG B 391 24.25 -22.70 0.08
C ARG B 391 23.16 -22.81 -0.98
N ASN B 392 23.15 -21.92 -1.97
CA ASN B 392 22.30 -22.08 -3.14
C ASN B 392 23.14 -22.42 -4.38
N GLN B 393 22.52 -22.52 -5.55
CA GLN B 393 23.26 -23.00 -6.72
C GLN B 393 24.03 -21.96 -7.53
N ALA B 394 24.00 -20.70 -7.09
CA ALA B 394 24.77 -19.63 -7.75
C ALA B 394 26.29 -19.76 -7.53
N PRO B 395 27.06 -19.97 -8.62
CA PRO B 395 28.52 -20.17 -8.52
C PRO B 395 29.24 -19.12 -7.65
N LEU B 396 28.87 -17.84 -7.80
CA LEU B 396 29.53 -16.77 -7.07
C LEU B 396 28.79 -16.29 -5.81
N SER B 397 27.81 -17.05 -5.34
CA SER B 397 27.07 -16.69 -4.12
C SER B 397 28.00 -16.72 -2.91
N PHE B 398 27.99 -15.63 -2.13
CA PHE B 398 28.84 -15.52 -0.94
C PHE B 398 28.51 -16.52 0.19
N PRO B 399 27.22 -16.62 0.60
CA PRO B 399 26.98 -17.48 1.77
C PRO B 399 27.27 -18.98 1.57
N ILE B 400 27.88 -19.58 2.58
CA ILE B 400 28.01 -21.03 2.69
C ILE B 400 27.69 -21.34 4.15
N PRO B 401 27.33 -22.61 4.45
CA PRO B 401 27.04 -22.88 5.86
C PRO B 401 28.27 -22.61 6.72
N GLY B 402 28.08 -21.82 7.77
CA GLY B 402 29.20 -21.50 8.64
C GLY B 402 29.12 -20.15 9.33
N TRP B 403 30.27 -19.73 9.86
CA TRP B 403 30.37 -18.61 10.77
C TRP B 403 30.64 -17.35 10.04
N ASN B 404 29.61 -16.51 9.95
CA ASN B 404 29.67 -15.25 9.25
C ASN B 404 29.97 -14.13 10.22
N ILE B 405 30.98 -13.32 9.89
CA ILE B 405 31.44 -12.23 10.74
C ILE B 405 31.56 -10.95 9.92
N CYS B 406 31.01 -9.86 10.44
CA CYS B 406 31.32 -8.53 9.93
CA CYS B 406 31.29 -8.51 9.95
C CYS B 406 32.01 -7.72 11.02
N VAL B 407 33.13 -7.13 10.66
CA VAL B 407 33.88 -6.25 11.56
C VAL B 407 34.11 -4.92 10.86
N ASP B 408 34.31 -3.87 11.64
CA ASP B 408 34.50 -2.52 11.12
C ASP B 408 35.74 -1.91 11.79
N PHE B 409 36.84 -1.81 11.04
CA PHE B 409 38.08 -1.29 11.59
C PHE B 409 38.30 0.18 11.28
N PRO B 410 38.63 0.99 12.30
CA PRO B 410 39.04 2.37 12.06
C PRO B 410 40.29 2.38 11.17
N ILE B 411 40.27 3.19 10.12
CA ILE B 411 41.46 3.31 9.27
C ILE B 411 42.64 3.91 10.05
N LYS B 412 43.67 3.10 10.26
CA LYS B 412 44.89 3.51 10.94
C LYS B 412 46.11 2.82 10.32
N ASP B 413 47.29 3.10 10.86
CA ASP B 413 48.55 2.54 10.36
C ASP B 413 48.64 1.03 10.56
N GLY B 414 48.98 0.33 9.48
CA GLY B 414 49.15 -1.13 9.51
C GLY B 414 47.92 -1.93 9.13
N LEU B 415 46.77 -1.26 9.01
CA LEU B 415 45.48 -1.94 8.76
C LEU B 415 45.51 -2.79 7.48
N GLY B 416 45.94 -2.18 6.37
CA GLY B 416 46.02 -2.86 5.07
C GLY B 416 46.79 -4.16 5.13
N LYS B 417 47.98 -4.11 5.73
CA LYS B 417 48.81 -5.29 5.93
C LYS B 417 48.09 -6.34 6.78
N PHE B 418 47.39 -5.88 7.82
CA PHE B 418 46.68 -6.78 8.72
C PHE B 418 45.51 -7.51 8.04
N VAL B 419 44.71 -6.79 7.26
CA VAL B 419 43.56 -7.43 6.60
C VAL B 419 43.99 -8.41 5.51
N SER B 420 45.14 -8.16 4.89
CA SER B 420 45.75 -9.13 3.97
C SER B 420 46.11 -10.42 4.71
N GLU B 421 46.63 -10.27 5.93
CA GLU B 421 46.92 -11.44 6.78
C GLU B 421 45.64 -12.19 7.15
N LEU B 422 44.55 -11.44 7.40
CA LEU B 422 43.24 -12.06 7.65
C LEU B 422 42.73 -12.81 6.43
N ASP B 423 42.84 -12.17 5.27
CA ASP B 423 42.48 -12.76 3.98
C ASP B 423 43.09 -14.14 3.82
N ARG B 424 44.38 -14.23 4.11
CA ARG B 424 45.09 -15.48 3.90
C ARG B 424 44.67 -16.52 4.90
N ARG B 425 44.25 -16.10 6.09
CA ARG B 425 43.67 -17.04 7.05
C ARG B 425 42.30 -17.53 6.58
N VAL B 426 41.43 -16.60 6.17
CA VAL B 426 40.10 -16.97 5.67
C VAL B 426 40.26 -17.96 4.52
N LEU B 427 41.16 -17.65 3.60
CA LEU B 427 41.54 -18.54 2.50
C LEU B 427 41.95 -19.94 2.96
N GLU B 428 42.91 -19.99 3.88
CA GLU B 428 43.43 -21.25 4.40
C GLU B 428 42.33 -22.15 4.95
N PHE B 429 41.40 -21.55 5.68
CA PHE B 429 40.36 -22.30 6.38
C PHE B 429 39.12 -22.60 5.53
N GLY B 430 39.19 -22.31 4.24
CA GLY B 430 38.12 -22.65 3.30
C GLY B 430 36.98 -21.65 3.23
N GLY B 431 37.16 -20.47 3.80
CA GLY B 431 36.13 -19.45 3.81
C GLY B 431 36.27 -18.49 2.64
N ARG B 432 35.50 -17.40 2.69
CA ARG B 432 35.52 -16.42 1.63
C ARG B 432 35.13 -15.02 2.09
N LEU B 433 35.50 -14.03 1.27
CA LEU B 433 35.06 -12.65 1.42
C LEU B 433 33.86 -12.37 0.53
N TYR B 434 33.13 -11.32 0.88
CA TYR B 434 31.91 -10.91 0.18
C TYR B 434 32.23 -9.76 -0.77
N THR B 435 31.84 -9.89 -2.04
CA THR B 435 32.07 -8.83 -3.04
C THR B 435 31.43 -7.49 -2.64
N ALA B 436 30.29 -7.54 -1.97
CA ALA B 436 29.58 -6.31 -1.58
C ALA B 436 30.32 -5.46 -0.54
N LYS B 437 31.36 -6.02 0.07
CA LYS B 437 32.16 -5.32 1.06
C LYS B 437 33.61 -5.12 0.62
N ASP B 438 33.95 -5.61 -0.58
CA ASP B 438 35.36 -5.68 -0.97
C ASP B 438 35.77 -4.70 -2.07
N SER B 439 36.92 -4.05 -1.85
CA SER B 439 37.56 -3.28 -2.91
C SER B 439 39.08 -3.48 -2.96
N ARG B 440 39.62 -4.34 -2.10
CA ARG B 440 41.08 -4.45 -1.97
C ARG B 440 41.76 -5.82 -2.16
N THR B 441 40.99 -6.91 -2.14
CA THR B 441 41.60 -8.24 -2.27
C THR B 441 42.08 -8.49 -3.71
N THR B 442 42.98 -9.46 -3.88
CA THR B 442 43.55 -9.77 -5.21
C THR B 442 42.69 -10.74 -5.99
N ALA B 443 42.93 -10.83 -7.29
CA ALA B 443 42.26 -11.80 -8.16
C ALA B 443 42.55 -13.24 -7.76
N GLU B 444 43.79 -13.52 -7.35
CA GLU B 444 44.17 -14.88 -6.93
C GLU B 444 43.46 -15.33 -5.65
N THR B 445 43.34 -14.43 -4.69
CA THR B 445 42.62 -14.71 -3.45
C THR B 445 41.15 -15.03 -3.75
N PHE B 446 40.50 -14.13 -4.47
CA PHE B 446 39.11 -14.31 -4.86
C PHE B 446 38.85 -15.61 -5.62
N HIS B 447 39.68 -15.90 -6.64
CA HIS B 447 39.48 -17.11 -7.43
C HIS B 447 39.62 -18.34 -6.59
N ALA B 448 40.55 -18.32 -5.63
CA ALA B 448 40.78 -19.45 -4.75
C ALA B 448 39.64 -19.62 -3.73
N MET B 449 39.03 -18.51 -3.33
CA MET B 449 37.89 -18.53 -2.39
C MET B 449 36.61 -19.04 -3.03
N TYR B 450 36.53 -18.90 -4.36
CA TYR B 450 35.35 -19.30 -5.12
C TYR B 450 35.70 -20.36 -6.15
N PRO B 451 35.69 -21.65 -5.76
CA PRO B 451 36.08 -22.77 -6.61
C PRO B 451 35.28 -22.89 -7.91
N ARG B 452 34.09 -22.29 -7.96
CA ARG B 452 33.25 -22.34 -9.17
C ARG B 452 33.41 -21.11 -10.06
N VAL B 453 34.43 -20.30 -9.80
CA VAL B 453 34.67 -19.07 -10.55
C VAL B 453 34.91 -19.31 -12.05
N ASP B 454 35.65 -20.37 -12.39
CA ASP B 454 35.92 -20.70 -13.79
C ASP B 454 34.64 -21.15 -14.49
N GLU B 455 33.85 -21.98 -13.80
CA GLU B 455 32.52 -22.36 -14.27
C GLU B 455 31.69 -21.12 -14.58
N TRP B 456 31.71 -20.15 -13.67
CA TRP B 456 30.96 -18.90 -13.82
C TRP B 456 31.48 -18.05 -14.95
N ILE B 457 32.81 -17.90 -15.03
CA ILE B 457 33.45 -17.07 -16.07
C ILE B 457 33.07 -17.51 -17.48
N SER B 458 33.01 -18.82 -17.72
CA SER B 458 32.65 -19.36 -19.03
C SER B 458 31.19 -19.08 -19.40
N VAL B 459 30.31 -19.11 -18.39
CA VAL B 459 28.92 -18.74 -18.59
C VAL B 459 28.84 -17.25 -18.97
N ARG B 460 29.64 -16.44 -18.28
CA ARG B 460 29.71 -14.99 -18.50
C ARG B 460 30.21 -14.61 -19.90
N ARG B 461 31.26 -15.29 -20.35
CA ARG B 461 31.86 -15.03 -21.66
C ARG B 461 30.94 -15.52 -22.79
N LYS B 462 30.16 -16.55 -22.50
CA LYS B 462 29.16 -17.07 -23.43
C LYS B 462 28.03 -16.08 -23.66
N VAL B 463 27.72 -15.26 -22.65
CA VAL B 463 26.66 -14.27 -22.77
C VAL B 463 27.20 -12.87 -23.10
N ASP B 464 28.49 -12.65 -22.85
CA ASP B 464 29.11 -11.35 -23.11
C ASP B 464 30.56 -11.51 -23.62
N PRO B 465 30.72 -12.07 -24.84
CA PRO B 465 32.05 -12.32 -25.40
C PRO B 465 32.89 -11.06 -25.63
N LEU B 466 32.23 -9.96 -25.97
CA LEU B 466 32.91 -8.73 -26.37
C LEU B 466 33.16 -7.76 -25.20
N ARG B 467 32.85 -8.21 -23.99
CA ARG B 467 33.08 -7.43 -22.75
C ARG B 467 32.33 -6.10 -22.74
N VAL B 468 31.07 -6.13 -23.19
CA VAL B 468 30.19 -4.96 -23.16
C VAL B 468 29.87 -4.57 -21.70
N PHE B 469 29.88 -5.56 -20.82
CA PHE B 469 29.69 -5.33 -19.38
C PHE B 469 30.97 -5.53 -18.59
N ALA B 470 31.36 -4.48 -17.86
CA ALA B 470 32.58 -4.47 -17.06
C ALA B 470 32.50 -3.43 -15.95
N SER B 471 33.27 -3.65 -14.88
CA SER B 471 33.34 -2.72 -13.76
C SER B 471 34.76 -2.67 -13.24
N ASP B 472 35.00 -1.81 -12.25
CA ASP B 472 36.30 -1.76 -11.58
C ASP B 472 36.60 -3.05 -10.82
N MET B 473 35.55 -3.67 -10.26
CA MET B 473 35.71 -4.95 -9.57
C MET B 473 36.11 -6.06 -10.53
N ALA B 474 35.43 -6.12 -11.68
CA ALA B 474 35.65 -7.18 -12.65
C ALA B 474 37.09 -7.18 -13.15
N ARG B 475 37.62 -5.98 -13.40
CA ARG B 475 38.99 -5.83 -13.88
C ARG B 475 40.01 -6.18 -12.79
N ARG B 476 39.74 -5.75 -11.57
CA ARG B 476 40.60 -6.04 -10.42
C ARG B 476 40.63 -7.54 -10.07
N LEU B 477 39.45 -8.18 -10.08
CA LEU B 477 39.32 -9.58 -9.70
C LEU B 477 39.38 -10.53 -10.90
N GLU B 478 39.62 -9.96 -12.08
CA GLU B 478 39.73 -10.69 -13.35
C GLU B 478 38.55 -11.61 -13.64
N LEU B 479 37.35 -11.05 -13.55
CA LEU B 479 36.13 -11.82 -13.73
C LEU B 479 35.61 -11.75 -15.17
N LEU B 480 36.23 -10.88 -15.98
CA LEU B 480 35.88 -10.73 -17.39
C LEU B 480 36.33 -11.93 -18.22
PA FAD C . -23.92 -0.29 4.34
O1A FAD C . -24.50 1.02 4.80
O2A FAD C . -23.60 -1.36 5.37
O5B FAD C . -24.94 -0.92 3.28
C5B FAD C . -25.51 -0.07 2.29
C4B FAD C . -26.17 -0.90 1.21
O4B FAD C . -25.16 -1.68 0.57
C3B FAD C . -27.19 -1.87 1.79
O3B FAD C . -28.31 -1.90 0.91
C2B FAD C . -26.49 -3.22 1.78
O2B FAD C . -27.36 -4.34 1.63
C1B FAD C . -25.59 -3.05 0.57
N9A FAD C . -24.39 -3.90 0.60
C8A FAD C . -23.32 -3.75 1.40
N7A FAD C . -22.40 -4.71 1.13
C5A FAD C . -22.90 -5.48 0.14
C6A FAD C . -22.45 -6.65 -0.62
N6A FAD C . -21.24 -7.20 -0.35
N1A FAD C . -23.27 -7.15 -1.58
C2A FAD C . -24.47 -6.60 -1.87
N3A FAD C . -24.94 -5.52 -1.21
C4A FAD C . -24.22 -4.94 -0.21
N1 FAD C . -22.45 8.61 -0.24
C2 FAD C . -22.14 9.18 -1.43
O2 FAD C . -22.62 8.68 -2.49
N3 FAD C . -21.32 10.25 -1.49
C4 FAD C . -20.78 10.82 -0.41
O4 FAD C . -20.02 11.81 -0.51
C4X FAD C . -21.07 10.27 0.92
N5 FAD C . -20.55 10.79 2.05
C5X FAD C . -20.85 10.23 3.26
C6 FAD C . -20.30 10.76 4.42
C7 FAD C . -20.62 10.20 5.66
C7M FAD C . -20.03 10.81 6.91
C8 FAD C . -21.51 9.02 5.72
C8M FAD C . -21.86 8.38 7.04
C9 FAD C . -22.05 8.47 4.56
C9A FAD C . -21.75 9.04 3.32
N10 FAD C . -22.28 8.49 2.13
C10 FAD C . -21.96 9.09 0.92
C1' FAD C . -23.15 7.31 2.14
C2' FAD C . -22.28 6.06 1.95
O2' FAD C . -21.27 6.25 0.95
C3' FAD C . -23.16 4.89 1.53
O3' FAD C . -24.20 4.75 2.51
C4' FAD C . -22.40 3.58 1.40
O4' FAD C . -23.28 2.63 0.80
C5' FAD C . -22.00 3.03 2.76
O5' FAD C . -21.20 1.87 2.58
P FAD C . -21.23 0.69 3.68
O1P FAD C . -20.15 -0.27 3.34
O2P FAD C . -21.22 1.33 5.06
O3P FAD C . -22.63 -0.06 3.38
FAU R57 D . -20.16 15.76 9.60
FAU R57 D . -21.25 19.18 5.22
CAU R57 D . -19.28 15.45 8.63
CAU R57 D . -20.12 18.54 4.87
CAV R57 D . -17.99 15.09 8.97
CAV R57 D . -19.01 19.26 4.45
OAW R57 D . -17.63 15.05 10.30
OAW R57 D . -19.05 20.62 4.39
CAX R57 D . -16.49 14.30 10.71
CAX R57 D . -20.29 21.30 4.19
CAY R57 D . -17.07 14.77 7.99
CAY R57 D . -17.85 18.59 4.09
CAZ R57 D . -17.44 14.81 6.65
CAZ R57 D . -17.80 17.20 4.14
CAT R57 D . -19.66 15.49 7.29
CAT R57 D . -20.07 17.15 4.92
CAS R57 D . -18.74 15.17 6.29
CAS R57 D . -18.91 16.48 4.56
CAR R57 D . -19.13 15.22 4.83
CAR R57 D . -18.84 14.97 4.62
NAQ R57 D . -20.32 14.41 4.61
NAQ R57 D . -20.19 14.43 4.53
CAP R57 D . -20.90 14.25 3.40
CAP R57 D . -20.80 14.26 3.34
CAC R57 D . -22.07 13.53 3.32
CAC R57 D . -22.01 13.58 3.27
CAB R57 D . -22.70 12.95 4.55
CAB R57 D . -22.66 13.04 4.52
OAA R57 D . -22.32 13.32 5.69
OAA R57 D . -22.21 13.36 5.64
OBA R57 D . -23.61 12.11 4.41
OBA R57 D . -23.64 12.27 4.40
NAD R57 D . -22.68 13.33 2.14
NAD R57 D . -22.62 13.40 2.08
CAE R57 D . -22.16 13.85 1.01
CAE R57 D . -22.07 13.88 0.95
CAF R57 D . -22.82 13.62 -0.19
CAF R57 D . -22.71 13.69 -0.27
CAG R57 D . -22.30 14.14 -1.36
CAG R57 D . -22.15 14.19 -1.44
NAO R57 D . -20.35 14.77 2.26
NAO R57 D . -20.24 14.74 2.20
CAN R57 D . -20.98 14.58 1.07
CAN R57 D . -20.87 14.56 1.01
CAM R57 D . -20.45 15.09 -0.13
CAM R57 D . -20.29 15.06 -0.16
CAH R57 D . -21.12 14.87 -1.34
CAH R57 D . -20.94 14.88 -1.38
CAI R57 D . -20.59 15.41 -2.64
CAI R57 D . -20.33 15.41 -2.64
FAJ R57 D . -19.94 14.46 -3.29
FAJ R57 D . -20.33 14.49 -3.58
FAK R57 D . -19.81 16.45 -2.42
FAK R57 D . -19.09 15.83 -2.40
FAL R57 D . -21.63 15.78 -3.36
FAL R57 D . -21.05 16.44 -3.05
PA FAD E . 24.80 -1.21 -5.78
O1A FAD E . 25.69 -1.11 -4.56
O2A FAD E . 24.43 0.02 -6.56
O5B FAD E . 25.42 -2.27 -6.80
C5B FAD E . 25.93 -3.51 -6.31
C4B FAD E . 26.03 -4.53 -7.42
O4B FAD E . 24.73 -4.80 -7.95
C3B FAD E . 26.89 -4.04 -8.58
O3B FAD E . 27.64 -5.15 -9.05
C2B FAD E . 25.87 -3.63 -9.63
O2B FAD E . 26.37 -3.74 -10.97
C1B FAD E . 24.76 -4.64 -9.37
N9A FAD E . 23.45 -4.19 -9.87
C8A FAD E . 22.66 -3.25 -9.32
N7A FAD E . 21.52 -3.11 -10.04
C5A FAD E . 21.59 -3.97 -11.07
C6A FAD E . 20.74 -4.35 -12.23
N6A FAD E . 19.54 -3.76 -12.44
N1A FAD E . 21.20 -5.31 -13.06
C2A FAD E . 22.39 -5.92 -12.89
N3A FAD E . 23.20 -5.63 -11.86
C4A FAD E . 22.86 -4.68 -10.95
N1 FAD E . 24.35 -7.24 2.36
C2 FAD E . 23.90 -8.43 2.80
O2 FAD E . 23.99 -9.41 2.03
N3 FAD E . 23.37 -8.60 4.03
C4 FAD E . 23.24 -7.58 4.90
O4 FAD E . 22.73 -7.72 6.03
C4X FAD E . 23.71 -6.22 4.49
N5 FAD E . 23.63 -5.15 5.30
C5X FAD E . 24.07 -3.93 4.88
C6 FAD E . 23.97 -2.82 5.72
C7 FAD E . 24.43 -1.57 5.33
C7M FAD E . 24.30 -0.41 6.28
C8 FAD E . 25.02 -1.41 3.96
C8M FAD E . 25.53 -0.09 3.46
C9 FAD E . 25.12 -2.52 3.11
C9A FAD E . 24.66 -3.77 3.52
N10 FAD E . 24.76 -4.89 2.67
C10 FAD E . 24.30 -6.13 3.14
C1' FAD E . 25.33 -4.80 1.32
C2' FAD E . 24.19 -4.56 0.30
O2' FAD E . 23.02 -5.34 0.60
C3' FAD E . 24.65 -4.89 -1.12
O3' FAD E . 25.83 -4.13 -1.40
C4' FAD E . 23.60 -4.58 -2.18
O4' FAD E . 24.04 -5.13 -3.42
C5' FAD E . 23.33 -3.08 -2.35
O5' FAD E . 22.33 -2.87 -3.35
P FAD E . 22.35 -1.56 -4.29
O1P FAD E . 21.01 -1.46 -4.94
O2P FAD E . 22.81 -0.38 -3.47
O3P FAD E . 23.44 -2.01 -5.39
FAU R57 F . 22.71 -3.48 14.97
CAU R57 F . 23.61 -3.47 13.97
CAV R57 F . 24.97 -3.60 14.24
OAW R57 F . 25.40 -3.76 15.53
CAX R57 F . 25.93 -5.03 15.93
CAY R57 F . 25.89 -3.60 13.21
CAZ R57 F . 25.45 -3.46 11.90
CAT R57 F . 23.17 -3.32 12.66
CAS R57 F . 24.10 -3.32 11.61
CAR R57 F . 23.60 -3.16 10.19
NAQ R57 F . 24.69 -3.43 9.27
CAP R57 F . 24.95 -4.67 8.76
CAC R57 F . 25.93 -4.79 7.78
CAB R57 F . 26.68 -3.57 7.30
OAA R57 F . 27.41 -3.65 6.30
OBA R57 F . 26.56 -2.50 7.92
NAD R57 F . 26.21 -6.01 7.26
CAE R57 F . 25.55 -7.11 7.68
CAF R57 F . 25.84 -8.36 7.13
CAG R57 F . 25.15 -9.50 7.57
NAO R57 F . 24.28 -5.77 9.18
CAN R57 F . 24.56 -6.98 8.66
CAM R57 F . 23.87 -8.12 9.11
CAH R57 F . 24.17 -9.37 8.56
CAI R57 F . 23.42 -10.60 9.02
FAJ R57 F . 22.76 -11.09 8.00
FAK R57 F . 22.60 -10.30 10.00
FAL R57 F . 24.28 -11.49 9.48
N1 IMD G . -2.02 -8.89 -12.04
C2 IMD G . -2.99 -9.46 -11.29
N3 IMD G . -2.44 -10.49 -10.61
C4 IMD G . -1.14 -10.58 -10.95
C5 IMD G . -0.88 -9.57 -11.85
#